data_6E5V
#
_entry.id   6E5V
#
_cell.length_a   82.945
_cell.length_b   106.780
_cell.length_c   117.908
_cell.angle_alpha   90.000
_cell.angle_beta   90.000
_cell.angle_gamma   90.000
#
_symmetry.space_group_name_H-M   'P 21 21 21'
#
loop_
_entity.id
_entity.type
_entity.pdbx_description
1 polymer 'Metabotropic glutamate receptor 8'
2 non-polymer '4-[(S)-amino(carboxy)methyl]benzene-1,2-dicarboxylic acid'
3 non-polymer 'CHLORIDE ION'
4 water water
#
_entity_poly.entity_id   1
_entity_poly.type   'polypeptide(L)'
_entity_poly.pdbx_seq_one_letter_code
;MALVCEGKRSASCPCFFLLTAKFYWILTMMRTHSQEYAHSIRVDGDIILGGLFPVHAKGERGVPCGELKKEKGIHRLEAM
LYAIDQINKDPDLLSNITLGVRILDTCSRDTYALEQSLTFVQALIEKDASDVKCANGDPPIFTKPDKISGVIGAAASSVS
IMVANILRLFKIPQISYASTAPELSDNTRYDFFSRVVPPDSYQAQAMVDIVTALGWNYVSTLASEGNYGESGVEAFTQIS
REIGGVSIAQSQKIPREPRPGEFEKIIKRLLETPNARAVIMFANEDDIRRILEAAKKLNQSGHFLWIGSDSWGSKIAPVY
QQEEIAEGAVTILPKRASIDGFDRYFRSRTLANNRRNVWFAEFWEENFGCKLGSHGKRNSHIKKCTGLERIARDSSYEQE
GKVQFVIDAVYSMAYALHNMHKDLCPGYIGLCPRMSTIDGKELLGYIRAVNFNGSAGTPVTFNENGDAPGRYDIFQYQIT
NKSTEYKVIGHWTNQLHLKVEDMQWAHRENLYFQGEGHHHHHH
;
_entity_poly.pdbx_strand_id   A,B
#
loop_
_chem_comp.id
_chem_comp.type
_chem_comp.name
_chem_comp.formula
CL non-polymer 'CHLORIDE ION' 'Cl -1'
HVG non-polymer '4-[(S)-amino(carboxy)methyl]benzene-1,2-dicarboxylic acid' 'C10 H9 N O6'
#
# COMPACT_ATOMS: atom_id res chain seq x y z
N HIS A 39 11.14 13.16 -21.33
CA HIS A 39 12.49 12.55 -21.38
C HIS A 39 12.42 11.02 -21.29
N SER A 40 11.55 10.43 -22.12
CA SER A 40 11.30 8.98 -22.16
C SER A 40 10.74 8.53 -23.52
N ILE A 41 10.52 7.23 -23.67
CA ILE A 41 10.00 6.64 -24.91
C ILE A 41 8.47 6.67 -24.93
N ARG A 42 7.92 7.25 -26.00
CA ARG A 42 6.47 7.30 -26.24
C ARG A 42 6.14 6.71 -27.61
N VAL A 43 5.22 5.75 -27.63
CA VAL A 43 4.64 5.23 -28.87
C VAL A 43 3.11 5.25 -28.73
N ASP A 44 2.45 5.93 -29.66
CA ASP A 44 0.99 6.03 -29.69
C ASP A 44 0.35 4.70 -30.09
N GLY A 45 -0.84 4.45 -29.53
CA GLY A 45 -1.58 3.22 -29.78
C GLY A 45 -2.92 3.17 -29.06
N ASP A 46 -3.71 2.14 -29.38
CA ASP A 46 -5.05 1.93 -28.84
C ASP A 46 -5.02 1.59 -27.35
N ILE A 47 -4.21 0.59 -26.98
CA ILE A 47 -3.97 0.21 -25.60
C ILE A 47 -2.49 0.44 -25.31
N ILE A 48 -2.21 1.37 -24.40
CA ILE A 48 -0.83 1.75 -24.07
C ILE A 48 -0.33 0.97 -22.86
N LEU A 49 0.77 0.23 -23.06
CA LEU A 49 1.41 -0.55 -22.01
C LEU A 49 2.63 0.16 -21.44
N GLY A 50 2.72 0.20 -20.11
CA GLY A 50 3.82 0.83 -19.40
C GLY A 50 5.05 -0.07 -19.28
N GLY A 51 6.22 0.56 -19.23
CA GLY A 51 7.50 -0.16 -19.11
C GLY A 51 8.39 0.42 -18.03
N LEU A 52 9.06 -0.46 -17.29
CA LEU A 52 10.02 -0.06 -16.26
C LEU A 52 11.30 -0.89 -16.35
N PHE A 53 12.40 -0.22 -16.69
CA PHE A 53 13.69 -0.86 -16.89
C PHE A 53 14.83 -0.06 -16.24
N PRO A 54 15.82 -0.75 -15.63
CA PRO A 54 16.98 -0.03 -15.08
C PRO A 54 18.01 0.34 -16.14
N VAL A 55 17.70 1.40 -16.90
CA VAL A 55 18.56 1.90 -18.00
C VAL A 55 19.88 2.45 -17.44
N HIS A 56 19.81 3.07 -16.27
CA HIS A 56 20.96 3.57 -15.55
C HIS A 56 21.06 2.97 -14.16
N ALA A 57 22.29 2.84 -13.67
CA ALA A 57 22.55 2.40 -12.29
C ALA A 57 22.31 3.56 -11.33
N LYS A 58 22.13 3.24 -10.05
CA LYS A 58 21.93 4.25 -9.00
C LYS A 58 23.22 5.05 -8.75
N GLY A 59 23.07 6.38 -8.79
CA GLY A 59 24.20 7.30 -8.67
C GLY A 59 24.88 7.29 -7.30
N GLU A 60 26.14 7.72 -7.29
CA GLU A 60 26.96 7.72 -6.07
C GLU A 60 26.56 8.84 -5.11
N ARG A 61 26.30 8.46 -3.86
CA ARG A 61 25.94 9.35 -2.73
C ARG A 61 24.73 10.27 -2.97
N GLY A 62 24.95 11.37 -3.70
CA GLY A 62 23.94 12.41 -3.90
C GLY A 62 23.07 12.23 -5.13
N VAL A 63 23.72 12.08 -6.28
CA VAL A 63 23.06 11.98 -7.61
C VAL A 63 22.08 10.80 -7.71
N PRO A 64 20.91 11.02 -8.38
CA PRO A 64 19.94 9.93 -8.54
C PRO A 64 20.36 8.83 -9.53
N CYS A 65 20.86 9.23 -10.70
CA CYS A 65 21.19 8.29 -11.78
C CYS A 65 22.67 8.37 -12.16
N GLY A 66 23.30 7.21 -12.29
CA GLY A 66 24.72 7.10 -12.62
C GLY A 66 24.97 6.54 -14.01
N GLU A 67 25.88 5.57 -14.08
CA GLU A 67 26.32 4.94 -15.34
C GLU A 67 25.23 4.10 -16.02
N LEU A 68 25.27 4.07 -17.36
CA LEU A 68 24.31 3.33 -18.17
C LEU A 68 24.53 1.82 -18.05
N LYS A 69 23.44 1.11 -17.78
CA LYS A 69 23.42 -0.35 -17.83
C LYS A 69 23.11 -0.78 -19.27
N LYS A 70 24.13 -1.30 -19.95
CA LYS A 70 24.01 -1.70 -21.36
C LYS A 70 23.17 -2.95 -21.54
N GLU A 71 23.42 -3.95 -20.69
CA GLU A 71 22.75 -5.26 -20.77
C GLU A 71 21.46 -5.28 -19.94
N LYS A 72 21.57 -4.85 -18.68
CA LYS A 72 20.44 -4.85 -17.76
C LYS A 72 19.38 -3.76 -18.07
N GLY A 73 19.78 -2.78 -18.89
CA GLY A 73 18.90 -1.67 -19.26
C GLY A 73 18.41 -1.73 -20.70
N ILE A 74 19.32 -1.48 -21.64
CA ILE A 74 18.99 -1.33 -23.07
C ILE A 74 18.45 -2.63 -23.71
N HIS A 75 19.14 -3.75 -23.47
CA HIS A 75 18.74 -5.06 -24.01
C HIS A 75 17.30 -5.44 -23.65
N ARG A 76 16.92 -5.23 -22.39
CA ARG A 76 15.59 -5.55 -21.88
C ARG A 76 14.53 -4.55 -22.36
N LEU A 77 14.91 -3.27 -22.40
CA LEU A 77 14.07 -2.17 -22.92
C LEU A 77 13.70 -2.43 -24.40
N GLU A 78 14.71 -2.74 -25.20
CA GLU A 78 14.56 -2.99 -26.64
C GLU A 78 13.81 -4.31 -26.91
N ALA A 79 13.86 -5.24 -25.95
CA ALA A 79 13.11 -6.50 -26.03
C ALA A 79 11.59 -6.30 -25.91
N MET A 80 11.19 -5.29 -25.13
CA MET A 80 9.78 -4.88 -25.03
C MET A 80 9.33 -4.24 -26.35
N LEU A 81 10.19 -3.40 -26.92
CA LEU A 81 9.94 -2.74 -28.21
C LEU A 81 9.91 -3.73 -29.38
N TYR A 82 10.74 -4.77 -29.28
CA TYR A 82 10.72 -5.89 -30.24
C TYR A 82 9.40 -6.67 -30.16
N ALA A 83 8.98 -6.98 -28.93
CA ALA A 83 7.76 -7.76 -28.69
C ALA A 83 6.50 -7.03 -29.15
N ILE A 84 6.42 -5.73 -28.85
CA ILE A 84 5.30 -4.88 -29.23
C ILE A 84 5.16 -4.74 -30.76
N ASP A 85 6.29 -4.58 -31.43
CA ASP A 85 6.36 -4.58 -32.91
C ASP A 85 5.92 -5.90 -33.52
N GLN A 86 6.23 -7.01 -32.84
CA GLN A 86 5.84 -8.36 -33.27
C GLN A 86 4.33 -8.62 -33.14
N ILE A 87 3.72 -8.05 -32.10
CA ILE A 87 2.27 -8.17 -31.86
C ILE A 87 1.48 -7.34 -32.89
N ASN A 88 2.00 -6.14 -33.19
CA ASN A 88 1.44 -5.29 -34.24
C ASN A 88 1.58 -5.90 -35.64
N LYS A 89 2.69 -6.61 -35.86
CA LYS A 89 2.96 -7.35 -37.11
C LYS A 89 2.00 -8.54 -37.27
N ASP A 90 1.72 -9.22 -36.16
CA ASP A 90 0.87 -10.40 -36.14
C ASP A 90 -0.61 -10.00 -36.27
N PRO A 91 -1.29 -10.45 -37.35
CA PRO A 91 -2.71 -10.09 -37.55
C PRO A 91 -3.67 -10.88 -36.65
N ASP A 92 -3.24 -12.04 -36.18
CA ASP A 92 -4.07 -12.94 -35.35
C ASP A 92 -4.25 -12.45 -33.92
N LEU A 93 -3.16 -11.96 -33.32
CA LEU A 93 -3.19 -11.40 -31.96
C LEU A 93 -3.46 -9.90 -32.04
N LEU A 94 -4.58 -9.50 -31.42
CA LEU A 94 -5.13 -8.13 -31.46
C LEU A 94 -5.33 -7.60 -32.89
N SER A 95 -6.36 -8.13 -33.56
CA SER A 95 -6.67 -7.79 -34.95
C SER A 95 -7.15 -6.34 -35.08
N ASN A 96 -6.40 -5.56 -35.85
CA ASN A 96 -6.57 -4.10 -36.02
C ASN A 96 -6.55 -3.29 -34.70
N ILE A 97 -5.87 -3.86 -33.70
CA ILE A 97 -5.61 -3.17 -32.42
C ILE A 97 -4.09 -3.07 -32.24
N THR A 98 -3.60 -1.86 -32.05
CA THR A 98 -2.17 -1.59 -31.86
C THR A 98 -1.84 -1.31 -30.40
N LEU A 99 -0.70 -1.84 -29.96
CA LEU A 99 -0.22 -1.65 -28.59
C LEU A 99 0.75 -0.47 -28.48
N GLY A 100 0.53 0.37 -27.48
CA GLY A 100 1.35 1.55 -27.22
C GLY A 100 2.45 1.31 -26.20
N VAL A 101 3.44 2.22 -26.20
CA VAL A 101 4.63 2.09 -25.35
C VAL A 101 4.82 3.37 -24.52
N ARG A 102 5.09 3.19 -23.23
CA ARG A 102 5.50 4.26 -22.33
C ARG A 102 6.53 3.71 -21.33
N ILE A 103 7.75 3.58 -21.81
CA ILE A 103 8.87 3.04 -21.03
C ILE A 103 9.57 4.16 -20.24
N LEU A 104 9.74 3.93 -18.95
CA LEU A 104 10.43 4.86 -18.05
C LEU A 104 11.64 4.22 -17.38
N ASP A 105 12.62 5.05 -17.05
CA ASP A 105 13.83 4.62 -16.36
C ASP A 105 13.60 4.61 -14.85
N THR A 106 13.96 3.49 -14.22
CA THR A 106 13.84 3.32 -12.77
C THR A 106 15.06 3.85 -12.02
N CYS A 107 16.19 3.94 -12.74
CA CYS A 107 17.51 4.32 -12.21
C CYS A 107 17.98 3.46 -11.02
N SER A 108 17.68 2.16 -11.12
CA SER A 108 18.04 1.12 -10.14
C SER A 108 17.50 1.30 -8.70
N ARG A 109 16.88 2.44 -8.42
CA ARG A 109 16.35 2.74 -7.09
C ARG A 109 14.83 2.88 -7.07
N ASP A 110 14.24 2.41 -5.98
CA ASP A 110 12.79 2.38 -5.78
C ASP A 110 12.13 3.75 -5.65
N THR A 111 12.85 4.71 -5.07
CA THR A 111 12.36 6.09 -4.88
C THR A 111 12.17 6.84 -6.19
N TYR A 112 13.09 6.64 -7.13
CA TYR A 112 13.01 7.23 -8.47
C TYR A 112 11.90 6.59 -9.30
N ALA A 113 11.76 5.27 -9.18
CA ALA A 113 10.74 4.49 -9.88
C ALA A 113 9.33 4.82 -9.42
N LEU A 114 9.18 5.13 -8.13
CA LEU A 114 7.91 5.56 -7.53
C LEU A 114 7.46 6.91 -8.11
N GLU A 115 8.41 7.84 -8.25
CA GLU A 115 8.17 9.14 -8.86
C GLU A 115 7.85 9.05 -10.34
N GLN A 116 8.50 8.10 -11.03
CA GLN A 116 8.20 7.81 -12.44
C GLN A 116 6.86 7.12 -12.61
N SER A 117 6.48 6.29 -11.63
CA SER A 117 5.21 5.53 -11.64
C SER A 117 3.96 6.42 -11.71
N LEU A 118 4.06 7.64 -11.17
CA LEU A 118 2.97 8.60 -11.16
C LEU A 118 2.55 9.10 -12.55
N THR A 119 3.45 8.94 -13.53
CA THR A 119 3.17 9.27 -14.93
C THR A 119 2.07 8.38 -15.51
N PHE A 120 2.00 7.14 -15.05
CA PHE A 120 0.97 6.18 -15.46
C PHE A 120 -0.43 6.56 -14.96
N VAL A 121 -0.49 7.22 -13.81
CA VAL A 121 -1.77 7.56 -13.15
C VAL A 121 -2.20 9.03 -13.34
N GLN A 122 -1.42 9.78 -14.11
CA GLN A 122 -1.71 11.22 -14.37
C GLN A 122 -2.94 11.49 -15.25
N ALA A 123 -3.53 10.42 -15.79
CA ALA A 123 -4.78 10.50 -16.56
C ALA A 123 -5.98 10.93 -15.70
N LEU A 124 -5.97 10.53 -14.43
CA LEU A 124 -7.02 10.86 -13.48
C LEU A 124 -6.69 12.14 -12.72
N ILE A 125 -7.51 13.17 -12.92
CA ILE A 125 -7.32 14.49 -12.30
C ILE A 125 -7.93 14.54 -10.89
N PRO A 145 -3.16 13.37 -22.52
CA PRO A 145 -3.29 12.47 -21.37
C PRO A 145 -3.30 10.99 -21.77
N ASP A 146 -2.31 10.25 -21.25
CA ASP A 146 -2.13 8.83 -21.57
C ASP A 146 -2.75 7.91 -20.51
N LYS A 147 -3.54 6.94 -20.98
CA LYS A 147 -4.15 5.92 -20.13
C LYS A 147 -3.37 4.62 -20.24
N ILE A 148 -2.93 4.11 -19.09
CA ILE A 148 -2.10 2.90 -19.02
C ILE A 148 -2.90 1.73 -18.45
N SER A 149 -2.94 0.65 -19.22
CA SER A 149 -3.70 -0.56 -18.87
C SER A 149 -2.90 -1.51 -17.99
N GLY A 150 -1.65 -1.75 -18.35
CA GLY A 150 -0.74 -2.62 -17.59
C GLY A 150 0.71 -2.18 -17.69
N VAL A 151 1.48 -2.48 -16.65
CA VAL A 151 2.89 -2.07 -16.57
C VAL A 151 3.80 -3.31 -16.52
N ILE A 152 4.80 -3.33 -17.41
CA ILE A 152 5.82 -4.38 -17.43
C ILE A 152 7.09 -3.90 -16.73
N GLY A 153 7.45 -4.59 -15.66
CA GLY A 153 8.60 -4.23 -14.83
C GLY A 153 8.33 -4.37 -13.34
N ALA A 154 9.33 -4.06 -12.50
CA ALA A 154 10.68 -3.70 -12.92
C ALA A 154 11.64 -4.89 -12.69
N ALA A 155 12.95 -4.61 -12.69
CA ALA A 155 13.95 -5.66 -12.51
C ALA A 155 14.14 -6.05 -11.04
N ALA A 156 14.64 -5.12 -10.23
CA ALA A 156 14.95 -5.38 -8.82
C ALA A 156 13.70 -5.51 -7.97
N SER A 157 13.76 -6.40 -6.99
CA SER A 157 12.64 -6.72 -6.09
C SER A 157 12.15 -5.53 -5.27
N SER A 158 13.09 -4.81 -4.64
CA SER A 158 12.78 -3.61 -3.85
C SER A 158 12.18 -2.48 -4.70
N VAL A 159 12.64 -2.40 -5.95
CA VAL A 159 12.12 -1.45 -6.94
C VAL A 159 10.69 -1.84 -7.33
N SER A 160 10.47 -3.13 -7.59
CA SER A 160 9.14 -3.65 -7.95
C SER A 160 8.13 -3.63 -6.80
N ILE A 161 8.61 -3.74 -5.56
CA ILE A 161 7.76 -3.67 -4.35
C ILE A 161 7.12 -2.28 -4.20
N MET A 162 7.92 -1.22 -4.31
CA MET A 162 7.45 0.17 -4.19
C MET A 162 6.50 0.54 -5.32
N VAL A 163 6.75 0.00 -6.51
CA VAL A 163 5.88 0.17 -7.67
C VAL A 163 4.55 -0.59 -7.49
N ALA A 164 4.63 -1.80 -6.91
CA ALA A 164 3.45 -2.62 -6.64
C ALA A 164 2.47 -1.98 -5.66
N ASN A 165 3.02 -1.25 -4.68
CA ASN A 165 2.21 -0.54 -3.68
C ASN A 165 1.41 0.63 -4.23
N ILE A 166 1.95 1.31 -5.24
CA ILE A 166 1.25 2.43 -5.89
C ILE A 166 0.29 1.98 -7.00
N LEU A 167 0.66 0.91 -7.72
CA LEU A 167 -0.16 0.39 -8.82
C LEU A 167 -1.40 -0.39 -8.37
N ARG A 168 -1.35 -0.97 -7.17
CA ARG A 168 -2.48 -1.72 -6.60
C ARG A 168 -3.66 -0.82 -6.21
N LEU A 169 -3.35 0.40 -5.78
CA LEU A 169 -4.35 1.36 -5.31
C LEU A 169 -5.13 1.96 -6.48
N PHE A 170 -4.44 2.14 -7.61
CA PHE A 170 -5.05 2.65 -8.84
C PHE A 170 -5.52 1.52 -9.77
N LYS A 171 -5.45 0.29 -9.26
CA LYS A 171 -5.92 -0.93 -9.95
C LYS A 171 -5.26 -1.15 -11.31
N ILE A 172 -3.93 -1.16 -11.33
CA ILE A 172 -3.15 -1.42 -12.54
C ILE A 172 -2.32 -2.70 -12.35
N PRO A 173 -2.55 -3.72 -13.21
CA PRO A 173 -1.77 -4.96 -13.19
C PRO A 173 -0.31 -4.73 -13.55
N GLN A 174 0.57 -5.54 -12.95
CA GLN A 174 2.01 -5.39 -13.10
C GLN A 174 2.66 -6.77 -13.27
N ILE A 175 3.38 -6.95 -14.39
CA ILE A 175 4.12 -8.18 -14.65
C ILE A 175 5.63 -7.90 -14.69
N SER A 176 6.37 -8.58 -13.81
CA SER A 176 7.82 -8.45 -13.75
C SER A 176 8.54 -9.55 -14.53
N TYR A 177 9.78 -9.24 -14.93
CA TYR A 177 10.63 -10.12 -15.74
C TYR A 177 11.85 -10.64 -14.96
N ALA A 178 12.05 -10.13 -13.74
CA ALA A 178 13.26 -10.41 -12.96
C ALA A 178 13.06 -10.49 -11.44
N SER A 179 12.06 -9.79 -10.91
CA SER A 179 11.80 -9.72 -9.47
C SER A 179 11.30 -11.05 -8.91
N THR A 180 12.05 -11.58 -7.93
CA THR A 180 11.87 -12.96 -7.45
C THR A 180 11.54 -13.09 -5.96
N ALA A 181 11.49 -11.98 -5.24
CA ALA A 181 11.24 -11.97 -3.78
C ALA A 181 9.91 -12.64 -3.39
N PRO A 182 9.92 -13.51 -2.35
CA PRO A 182 8.71 -14.23 -1.91
C PRO A 182 7.62 -13.34 -1.32
N GLU A 183 7.97 -12.10 -0.95
CA GLU A 183 7.03 -11.10 -0.45
C GLU A 183 5.98 -10.70 -1.48
N LEU A 184 6.40 -10.67 -2.76
CA LEU A 184 5.56 -10.23 -3.88
C LEU A 184 4.45 -11.21 -4.27
N SER A 185 4.55 -12.46 -3.81
CA SER A 185 3.51 -13.48 -4.05
C SER A 185 2.30 -13.39 -3.10
N ASP A 186 2.43 -12.55 -2.06
CA ASP A 186 1.34 -12.28 -1.12
C ASP A 186 0.25 -11.42 -1.77
N ASN A 187 -0.97 -11.96 -1.81
CA ASN A 187 -2.12 -11.28 -2.41
C ASN A 187 -2.82 -10.25 -1.51
N THR A 188 -2.28 -10.03 -0.31
CA THR A 188 -2.77 -9.02 0.62
C THR A 188 -2.01 -7.70 0.41
N ARG A 189 -0.68 -7.81 0.30
CA ARG A 189 0.22 -6.66 0.23
C ARG A 189 0.34 -6.08 -1.18
N TYR A 190 0.42 -6.94 -2.19
CA TYR A 190 0.58 -6.52 -3.59
C TYR A 190 -0.30 -7.38 -4.50
N ASP A 191 -1.61 -7.19 -4.37
CA ASP A 191 -2.62 -8.02 -5.07
C ASP A 191 -2.65 -7.91 -6.60
N PHE A 192 -2.10 -6.82 -7.13
CA PHE A 192 -2.05 -6.59 -8.58
C PHE A 192 -0.72 -6.99 -9.21
N PHE A 193 0.12 -7.69 -8.46
CA PHE A 193 1.44 -8.12 -8.94
C PHE A 193 1.44 -9.54 -9.50
N SER A 194 2.05 -9.67 -10.68
CA SER A 194 2.30 -10.95 -11.33
C SER A 194 3.75 -11.00 -11.81
N ARG A 195 4.23 -12.21 -12.11
CA ARG A 195 5.60 -12.41 -12.61
C ARG A 195 5.77 -13.67 -13.45
N VAL A 196 6.53 -13.53 -14.53
CA VAL A 196 6.84 -14.63 -15.44
C VAL A 196 8.12 -15.38 -15.01
N VAL A 197 8.74 -14.89 -13.92
CA VAL A 197 9.86 -15.58 -13.25
C VAL A 197 9.42 -16.20 -11.92
N PRO A 198 9.93 -17.40 -11.57
CA PRO A 198 9.52 -18.08 -10.33
C PRO A 198 9.97 -17.35 -9.05
N PRO A 199 9.12 -17.39 -7.99
CA PRO A 199 9.49 -16.79 -6.70
C PRO A 199 10.61 -17.56 -5.99
N ASP A 200 11.34 -16.87 -5.11
CA ASP A 200 12.47 -17.43 -4.39
C ASP A 200 12.11 -18.49 -3.34
N SER A 201 10.81 -18.73 -3.15
CA SER A 201 10.31 -19.86 -2.37
C SER A 201 10.70 -21.20 -3.02
N TYR A 202 10.63 -21.25 -4.35
CA TYR A 202 11.02 -22.43 -5.13
C TYR A 202 12.53 -22.57 -5.30
N GLN A 203 13.24 -21.43 -5.34
CA GLN A 203 14.71 -21.42 -5.40
C GLN A 203 15.33 -21.84 -4.06
N ALA A 204 14.74 -21.39 -2.95
CA ALA A 204 15.16 -21.79 -1.62
C ALA A 204 14.88 -23.27 -1.33
N GLN A 205 13.77 -23.77 -1.85
CA GLN A 205 13.43 -25.20 -1.79
C GLN A 205 14.43 -26.04 -2.59
N ALA A 206 14.80 -25.53 -3.78
CA ALA A 206 15.83 -26.15 -4.62
C ALA A 206 17.18 -26.19 -3.91
N MET A 207 17.53 -25.08 -3.25
CA MET A 207 18.76 -24.96 -2.47
C MET A 207 18.80 -25.91 -1.28
N VAL A 208 17.65 -26.08 -0.62
CA VAL A 208 17.48 -27.05 0.47
C VAL A 208 17.66 -28.48 -0.07
N ASP A 209 17.04 -28.74 -1.23
CA ASP A 209 17.12 -30.04 -1.90
C ASP A 209 18.54 -30.42 -2.33
N ILE A 210 19.28 -29.46 -2.90
CA ILE A 210 20.69 -29.63 -3.29
C ILE A 210 21.58 -29.95 -2.07
N VAL A 211 21.41 -29.15 -1.01
CA VAL A 211 22.15 -29.29 0.25
C VAL A 211 21.93 -30.66 0.92
N THR A 212 20.67 -31.09 1.00
CA THR A 212 20.30 -32.36 1.62
C THR A 212 20.80 -33.57 0.81
N ALA A 213 20.76 -33.46 -0.52
CA ALA A 213 21.23 -34.51 -1.44
C ALA A 213 22.75 -34.74 -1.36
N LEU A 214 23.48 -33.72 -0.94
CA LEU A 214 24.93 -33.81 -0.74
C LEU A 214 25.31 -34.15 0.71
N GLY A 215 24.31 -34.16 1.59
CA GLY A 215 24.50 -34.45 3.02
C GLY A 215 25.20 -33.31 3.74
N TRP A 216 24.67 -32.10 3.60
CA TRP A 216 25.28 -30.88 4.11
C TRP A 216 24.43 -30.24 5.23
N ASN A 217 24.26 -30.99 6.32
CA ASN A 217 23.40 -30.61 7.45
C ASN A 217 23.72 -29.30 8.17
N TYR A 218 24.98 -28.85 8.06
CA TYR A 218 25.46 -27.64 8.73
C TYR A 218 25.93 -26.61 7.72
N VAL A 219 25.22 -25.48 7.63
CA VAL A 219 25.47 -24.43 6.62
C VAL A 219 25.47 -23.01 7.20
N SER A 220 26.02 -22.08 6.44
CA SER A 220 25.95 -20.64 6.74
C SER A 220 25.31 -19.88 5.58
N THR A 221 24.70 -18.74 5.89
CA THR A 221 24.04 -17.91 4.88
C THR A 221 24.60 -16.49 4.80
N LEU A 222 24.59 -15.93 3.58
CA LEU A 222 25.08 -14.58 3.33
C LEU A 222 24.08 -13.81 2.47
N ALA A 223 23.73 -12.60 2.93
CA ALA A 223 22.70 -11.78 2.29
C ALA A 223 23.19 -10.38 1.94
N SER A 224 22.75 -9.87 0.81
CA SER A 224 22.94 -8.48 0.43
C SER A 224 21.78 -7.64 0.99
N GLU A 225 22.07 -6.38 1.33
CA GLU A 225 21.06 -5.47 1.89
C GLU A 225 20.01 -5.12 0.84
N GLY A 226 18.75 -5.24 1.24
CA GLY A 226 17.60 -5.07 0.36
C GLY A 226 16.60 -6.18 0.52
N ASN A 227 15.56 -6.15 -0.31
CA ASN A 227 14.49 -7.15 -0.24
C ASN A 227 14.88 -8.51 -0.84
N TYR A 228 15.59 -8.49 -1.96
CA TYR A 228 16.03 -9.71 -2.64
C TYR A 228 16.98 -10.56 -1.80
N GLY A 229 17.96 -9.91 -1.18
CA GLY A 229 18.98 -10.59 -0.38
C GLY A 229 18.46 -11.16 0.93
N GLU A 230 17.76 -10.33 1.69
CA GLU A 230 17.29 -10.66 3.03
C GLU A 230 16.14 -11.70 3.05
N SER A 231 15.14 -11.49 2.20
CA SER A 231 13.97 -12.38 2.15
C SER A 231 14.27 -13.72 1.44
N GLY A 232 15.25 -13.71 0.53
CA GLY A 232 15.73 -14.92 -0.14
C GLY A 232 16.41 -15.87 0.84
N VAL A 233 17.25 -15.31 1.71
CA VAL A 233 17.89 -16.03 2.81
C VAL A 233 16.84 -16.46 3.87
N GLU A 234 15.87 -15.58 4.12
CA GLU A 234 14.77 -15.84 5.06
C GLU A 234 13.90 -17.01 4.60
N ALA A 235 13.65 -17.09 3.28
CA ALA A 235 12.93 -18.19 2.66
C ALA A 235 13.67 -19.52 2.82
N PHE A 236 15.00 -19.45 2.71
CA PHE A 236 15.88 -20.60 2.97
C PHE A 236 15.83 -21.02 4.44
N THR A 237 15.84 -20.03 5.34
CA THR A 237 15.79 -20.25 6.79
C THR A 237 14.48 -20.92 7.22
N GLN A 238 13.37 -20.47 6.63
CA GLN A 238 12.02 -21.00 6.92
C GLN A 238 11.83 -22.46 6.51
N ILE A 239 12.35 -22.82 5.33
CA ILE A 239 12.31 -24.21 4.85
C ILE A 239 13.26 -25.10 5.67
N SER A 240 14.41 -24.54 6.06
CA SER A 240 15.39 -25.25 6.89
C SER A 240 14.90 -25.52 8.32
N ARG A 241 14.31 -24.50 8.95
CA ARG A 241 13.86 -24.59 10.35
C ARG A 241 12.62 -25.49 10.52
N GLU A 242 11.59 -25.22 9.73
CA GLU A 242 10.30 -25.93 9.84
C GLU A 242 10.37 -27.37 9.33
N ILE A 243 10.90 -27.55 8.12
CA ILE A 243 10.99 -28.86 7.48
C ILE A 243 12.42 -29.42 7.49
N GLY A 244 12.53 -30.74 7.68
CA GLY A 244 13.81 -31.44 7.66
C GLY A 244 14.78 -31.06 8.77
N GLY A 245 16.05 -31.33 8.54
CA GLY A 245 17.11 -31.08 9.52
C GLY A 245 18.33 -30.36 8.95
N VAL A 246 18.13 -29.10 8.55
CA VAL A 246 19.21 -28.24 8.07
C VAL A 246 19.44 -27.13 9.09
N SER A 247 20.67 -27.07 9.60
CA SER A 247 21.04 -26.12 10.66
C SER A 247 21.85 -24.94 10.11
N ILE A 248 21.41 -23.73 10.47
CA ILE A 248 22.10 -22.49 10.08
C ILE A 248 23.06 -22.06 11.18
N ALA A 249 24.34 -21.95 10.82
CA ALA A 249 25.40 -21.56 11.75
C ALA A 249 25.39 -20.06 12.01
N GLN A 250 25.38 -19.28 10.93
CA GLN A 250 25.38 -17.80 10.99
C GLN A 250 24.81 -17.18 9.72
N SER A 251 24.07 -16.08 9.91
CA SER A 251 23.50 -15.31 8.81
C SER A 251 24.10 -13.91 8.78
N GLN A 252 25.13 -13.74 7.94
CA GLN A 252 25.83 -12.46 7.80
C GLN A 252 25.21 -11.60 6.72
N LYS A 253 25.18 -10.30 6.95
CA LYS A 253 24.56 -9.33 6.05
C LYS A 253 25.58 -8.32 5.53
N ILE A 254 25.53 -8.08 4.22
CA ILE A 254 26.38 -7.09 3.56
C ILE A 254 25.57 -5.79 3.42
N PRO A 255 26.11 -4.66 3.92
CA PRO A 255 25.47 -3.34 3.77
C PRO A 255 25.42 -2.87 2.32
N ARG A 256 24.45 -2.00 2.01
CA ARG A 256 24.23 -1.47 0.66
C ARG A 256 25.42 -0.64 0.15
N GLU A 257 25.96 0.21 1.01
CA GLU A 257 27.19 0.96 0.74
C GLU A 257 28.28 0.49 1.72
N PRO A 258 29.01 -0.59 1.37
CA PRO A 258 29.95 -1.21 2.29
C PRO A 258 31.27 -0.45 2.43
N ARG A 259 31.84 -0.47 3.63
CA ARG A 259 33.16 0.10 3.92
C ARG A 259 34.27 -0.75 3.26
N PRO A 260 35.44 -0.13 2.96
CA PRO A 260 36.56 -0.86 2.34
C PRO A 260 37.07 -2.10 3.10
N GLY A 261 36.90 -2.11 4.43
CA GLY A 261 37.33 -3.23 5.26
C GLY A 261 36.22 -4.15 5.76
N GLU A 262 35.04 -4.07 5.14
CA GLU A 262 33.87 -4.87 5.54
C GLU A 262 33.92 -6.32 5.05
N PHE A 263 34.35 -6.52 3.81
CA PHE A 263 34.39 -7.84 3.18
C PHE A 263 35.42 -8.79 3.79
N GLU A 264 36.50 -8.23 4.32
CA GLU A 264 37.51 -8.99 5.08
C GLU A 264 36.98 -9.42 6.44
N LYS A 265 36.14 -8.57 7.04
CA LYS A 265 35.47 -8.88 8.31
C LYS A 265 34.42 -9.97 8.18
N ILE A 266 33.75 -10.02 7.02
CA ILE A 266 32.74 -11.03 6.69
C ILE A 266 33.34 -12.44 6.66
N ILE A 267 34.46 -12.59 5.93
CA ILE A 267 35.21 -13.86 5.83
C ILE A 267 35.68 -14.32 7.22
N LYS A 268 36.23 -13.39 8.00
CA LYS A 268 36.70 -13.65 9.37
C LYS A 268 35.58 -14.10 10.31
N ARG A 269 34.39 -13.52 10.16
CA ARG A 269 33.20 -13.92 10.91
C ARG A 269 32.68 -15.31 10.51
N LEU A 270 32.76 -15.60 9.21
CA LEU A 270 32.36 -16.91 8.66
C LEU A 270 33.31 -18.04 9.07
N LEU A 271 34.58 -17.69 9.33
CA LEU A 271 35.60 -18.65 9.76
C LEU A 271 35.50 -19.03 11.25
N GLU A 272 34.73 -18.24 12.01
CA GLU A 272 34.48 -18.51 13.44
C GLU A 272 33.66 -19.78 13.69
N THR A 273 32.88 -20.18 12.68
CA THR A 273 32.27 -21.52 12.62
C THR A 273 32.91 -22.28 11.44
N PRO A 274 34.10 -22.87 11.67
CA PRO A 274 34.93 -23.41 10.57
C PRO A 274 34.36 -24.63 9.85
N ASN A 275 33.59 -25.44 10.56
CA ASN A 275 32.94 -26.63 9.98
C ASN A 275 31.82 -26.31 8.99
N ALA A 276 31.21 -25.13 9.15
CA ALA A 276 30.24 -24.62 8.19
C ALA A 276 30.97 -24.10 6.95
N ARG A 277 31.18 -25.01 5.99
CA ARG A 277 31.92 -24.72 4.77
C ARG A 277 31.02 -24.20 3.66
N ALA A 278 29.80 -24.76 3.56
CA ALA A 278 28.83 -24.36 2.56
C ALA A 278 28.21 -23.01 2.89
N VAL A 279 28.30 -22.09 1.93
CA VAL A 279 27.74 -20.74 2.07
C VAL A 279 26.64 -20.53 1.01
N ILE A 280 25.41 -20.46 1.50
CA ILE A 280 24.24 -20.14 0.68
C ILE A 280 24.14 -18.62 0.62
N MET A 281 24.14 -18.07 -0.59
CA MET A 281 24.15 -16.61 -0.75
C MET A 281 23.22 -16.02 -1.79
N PHE A 282 22.56 -14.93 -1.38
CA PHE A 282 21.73 -14.09 -2.24
C PHE A 282 22.37 -12.71 -2.26
N ALA A 283 23.50 -12.61 -2.95
CA ALA A 283 24.25 -11.36 -3.08
C ALA A 283 24.26 -10.88 -4.53
N ASN A 284 24.37 -9.56 -4.71
CA ASN A 284 24.45 -8.98 -6.06
C ASN A 284 25.81 -9.18 -6.72
N GLU A 285 25.86 -8.91 -8.03
CA GLU A 285 27.06 -9.08 -8.88
C GLU A 285 28.33 -8.43 -8.32
N ASP A 286 28.18 -7.21 -7.79
CA ASP A 286 29.30 -6.45 -7.21
C ASP A 286 29.75 -7.00 -5.86
N ASP A 287 28.81 -7.59 -5.12
CA ASP A 287 29.09 -8.17 -3.80
C ASP A 287 29.89 -9.47 -3.89
N ILE A 288 29.38 -10.44 -4.67
CA ILE A 288 30.03 -11.74 -4.90
C ILE A 288 31.50 -11.58 -5.32
N ARG A 289 31.74 -10.66 -6.25
CA ARG A 289 33.08 -10.27 -6.70
C ARG A 289 34.00 -9.93 -5.53
N ARG A 290 33.48 -9.18 -4.56
CA ARG A 290 34.26 -8.69 -3.43
C ARG A 290 34.43 -9.68 -2.27
N ILE A 291 33.44 -10.57 -2.07
CA ILE A 291 33.56 -11.65 -1.08
C ILE A 291 34.65 -12.65 -1.50
N LEU A 292 34.59 -13.07 -2.76
CA LEU A 292 35.56 -14.00 -3.34
C LEU A 292 36.96 -13.40 -3.47
N GLU A 293 37.03 -12.08 -3.62
CA GLU A 293 38.28 -11.33 -3.60
C GLU A 293 38.88 -11.34 -2.20
N ALA A 294 38.03 -11.14 -1.19
CA ALA A 294 38.44 -11.16 0.22
C ALA A 294 38.83 -12.55 0.70
N ALA A 295 38.11 -13.56 0.22
CA ALA A 295 38.39 -14.97 0.54
C ALA A 295 39.73 -15.45 -0.02
N LYS A 296 40.08 -14.96 -1.22
CA LYS A 296 41.35 -15.26 -1.87
C LYS A 296 42.54 -14.61 -1.15
N LYS A 297 42.31 -13.40 -0.62
CA LYS A 297 43.32 -12.63 0.12
C LYS A 297 43.71 -13.30 1.45
N LEU A 298 42.72 -13.90 2.12
CA LEU A 298 42.93 -14.57 3.41
C LEU A 298 43.37 -16.04 3.30
N ASN A 299 43.87 -16.42 2.12
CA ASN A 299 44.34 -17.79 1.79
C ASN A 299 43.30 -18.91 2.04
N GLN A 300 42.04 -18.61 1.73
CA GLN A 300 40.93 -19.55 1.98
C GLN A 300 40.48 -20.30 0.72
N SER A 301 41.45 -20.70 -0.10
CA SER A 301 41.18 -21.47 -1.32
C SER A 301 40.87 -22.92 -0.98
N GLY A 302 39.73 -23.40 -1.47
CA GLY A 302 39.30 -24.78 -1.27
C GLY A 302 38.44 -25.03 -0.04
N HIS A 303 38.42 -24.08 0.88
CA HIS A 303 37.66 -24.20 2.14
C HIS A 303 36.16 -24.00 1.95
N PHE A 304 35.76 -22.84 1.43
CA PHE A 304 34.34 -22.49 1.27
C PHE A 304 33.71 -23.15 0.04
N LEU A 305 32.53 -23.72 0.24
CA LEU A 305 31.74 -24.33 -0.83
C LEU A 305 30.56 -23.42 -1.15
N TRP A 306 30.74 -22.57 -2.17
CA TRP A 306 29.76 -21.54 -2.52
C TRP A 306 28.49 -22.10 -3.14
N ILE A 307 27.35 -21.57 -2.69
CA ILE A 307 26.04 -21.81 -3.30
C ILE A 307 25.41 -20.45 -3.61
N GLY A 308 25.20 -20.20 -4.91
CA GLY A 308 24.69 -18.92 -5.40
C GLY A 308 23.31 -18.98 -6.03
N SER A 309 22.61 -17.85 -6.00
CA SER A 309 21.27 -17.73 -6.57
C SER A 309 21.32 -17.14 -7.99
N ASP A 310 20.15 -16.76 -8.52
CA ASP A 310 20.01 -16.23 -9.89
C ASP A 310 20.87 -14.99 -10.17
N SER A 311 21.15 -14.22 -9.12
CA SER A 311 22.03 -13.05 -9.19
C SER A 311 23.48 -13.44 -9.51
N TRP A 312 23.91 -14.61 -9.03
CA TRP A 312 25.19 -15.19 -9.43
C TRP A 312 25.05 -15.82 -10.82
N GLY A 313 24.14 -16.79 -10.95
CA GLY A 313 23.84 -17.49 -12.20
C GLY A 313 25.06 -18.05 -12.89
N SER A 314 25.22 -17.70 -14.17
CA SER A 314 26.38 -18.08 -14.97
C SER A 314 27.18 -16.85 -15.43
N LYS A 315 27.23 -15.84 -14.56
CA LYS A 315 27.97 -14.60 -14.81
C LYS A 315 29.47 -14.84 -14.70
N ILE A 316 30.22 -14.37 -15.70
CA ILE A 316 31.68 -14.45 -15.70
C ILE A 316 32.36 -13.33 -14.89
N ALA A 317 31.59 -12.28 -14.60
CA ALA A 317 32.07 -11.08 -13.90
C ALA A 317 32.63 -11.30 -12.48
N PRO A 318 31.90 -12.04 -11.60
CA PRO A 318 32.45 -12.20 -10.24
C PRO A 318 33.59 -13.23 -10.14
N VAL A 319 33.72 -14.09 -11.14
CA VAL A 319 34.68 -15.19 -11.12
C VAL A 319 35.97 -14.91 -11.92
N TYR A 320 35.96 -13.83 -12.70
CA TYR A 320 37.09 -13.45 -13.55
C TYR A 320 38.33 -13.07 -12.73
N GLN A 321 39.48 -13.61 -13.14
CA GLN A 321 40.77 -13.51 -12.41
C GLN A 321 40.74 -14.07 -10.97
N GLN A 322 39.67 -14.80 -10.67
CA GLN A 322 39.44 -15.40 -9.35
C GLN A 322 38.89 -16.83 -9.54
N GLU A 323 39.50 -17.56 -10.49
CA GLU A 323 39.04 -18.88 -10.90
C GLU A 323 39.27 -19.96 -9.84
N GLU A 324 40.38 -19.83 -9.10
CA GLU A 324 40.76 -20.80 -8.07
C GLU A 324 39.80 -20.79 -6.87
N ILE A 325 39.41 -19.59 -6.43
CA ILE A 325 38.54 -19.41 -5.27
C ILE A 325 37.06 -19.72 -5.57
N ALA A 326 36.69 -19.64 -6.85
CA ALA A 326 35.32 -19.88 -7.31
C ALA A 326 35.05 -21.32 -7.74
N GLU A 327 36.05 -22.19 -7.54
CA GLU A 327 36.01 -23.58 -8.01
C GLU A 327 34.94 -24.41 -7.29
N GLY A 328 34.11 -25.09 -8.07
CA GLY A 328 33.07 -25.99 -7.56
C GLY A 328 31.82 -25.32 -7.02
N ALA A 329 31.64 -24.04 -7.34
CA ALA A 329 30.50 -23.25 -6.86
C ALA A 329 29.20 -23.63 -7.58
N VAL A 330 28.22 -24.08 -6.79
CA VAL A 330 26.92 -24.49 -7.30
C VAL A 330 25.99 -23.28 -7.39
N THR A 331 25.45 -23.04 -8.58
CA THR A 331 24.52 -21.92 -8.83
C THR A 331 23.20 -22.37 -9.44
N ILE A 332 22.13 -21.63 -9.12
CA ILE A 332 20.77 -21.92 -9.57
C ILE A 332 20.25 -20.72 -10.39
N LEU A 333 19.64 -21.01 -11.54
CA LEU A 333 19.11 -19.99 -12.45
C LEU A 333 17.83 -20.50 -13.13
N PRO A 334 16.78 -19.63 -13.24
CA PRO A 334 15.53 -20.03 -13.92
C PRO A 334 15.72 -20.45 -15.38
N LYS A 335 14.95 -21.45 -15.80
CA LYS A 335 15.04 -22.04 -17.15
C LYS A 335 14.80 -21.01 -18.26
N ARG A 336 15.72 -20.99 -19.21
CA ARG A 336 15.91 -19.86 -20.12
C ARG A 336 16.59 -20.30 -21.42
N ALA A 337 16.24 -19.64 -22.52
CA ALA A 337 16.88 -19.85 -23.82
C ALA A 337 17.11 -18.53 -24.55
N SER A 338 18.06 -18.54 -25.49
CA SER A 338 18.37 -17.37 -26.32
C SER A 338 17.42 -17.26 -27.52
N ILE A 339 16.97 -16.04 -27.80
CA ILE A 339 16.05 -15.78 -28.92
C ILE A 339 16.80 -15.15 -30.09
N ASP A 340 16.79 -15.85 -31.22
CA ASP A 340 17.45 -15.40 -32.45
C ASP A 340 16.69 -14.26 -33.14
N GLY A 341 15.38 -14.22 -32.93
CA GLY A 341 14.51 -13.17 -33.46
C GLY A 341 14.87 -11.78 -32.98
N PHE A 342 15.08 -11.66 -31.66
CA PHE A 342 15.55 -10.41 -31.04
C PHE A 342 17.00 -10.09 -31.43
N ASP A 343 17.83 -11.13 -31.52
CA ASP A 343 19.23 -10.99 -31.97
C ASP A 343 19.35 -10.36 -33.35
N ARG A 344 18.49 -10.81 -34.28
CA ARG A 344 18.41 -10.26 -35.64
C ARG A 344 17.86 -8.83 -35.64
N TYR A 345 16.97 -8.53 -34.70
CA TYR A 345 16.39 -7.20 -34.51
C TYR A 345 17.40 -6.20 -33.95
N PHE A 346 18.13 -6.62 -32.91
CA PHE A 346 19.06 -5.75 -32.19
C PHE A 346 20.35 -5.45 -32.96
N ARG A 347 20.83 -6.43 -33.74
CA ARG A 347 22.01 -6.27 -34.61
C ARG A 347 21.80 -5.27 -35.74
N SER A 348 20.55 -5.18 -36.21
CA SER A 348 20.17 -4.28 -37.31
C SER A 348 19.73 -2.89 -36.83
N ARG A 349 19.99 -2.58 -35.56
CA ARG A 349 19.66 -1.26 -35.00
C ARG A 349 20.75 -0.23 -35.28
N THR A 350 20.36 0.83 -35.99
CA THR A 350 21.25 1.96 -36.28
C THR A 350 20.69 3.24 -35.65
N LEU A 351 21.51 4.29 -35.62
CA LEU A 351 21.12 5.60 -35.10
C LEU A 351 20.05 6.29 -35.96
N ALA A 352 19.92 5.85 -37.20
CA ALA A 352 18.91 6.35 -38.13
C ALA A 352 17.51 5.77 -37.84
N ASN A 353 17.42 4.44 -37.78
CA ASN A 353 16.13 3.76 -37.61
C ASN A 353 15.59 3.68 -36.18
N ASN A 354 16.50 3.61 -35.21
CA ASN A 354 16.12 3.48 -33.79
C ASN A 354 16.16 4.82 -33.04
N ARG A 355 15.55 5.83 -33.66
CA ARG A 355 15.43 7.17 -33.06
C ARG A 355 14.38 7.25 -31.94
N ARG A 356 13.46 6.28 -31.94
CA ARG A 356 12.41 6.17 -30.92
C ARG A 356 12.93 5.84 -29.51
N ASN A 357 14.08 5.18 -29.46
CA ASN A 357 14.79 4.95 -28.21
C ASN A 357 15.66 6.17 -27.89
N VAL A 358 15.24 6.90 -26.85
CA VAL A 358 15.89 8.15 -26.43
C VAL A 358 17.26 7.92 -25.79
N TRP A 359 17.49 6.70 -25.28
CA TRP A 359 18.76 6.32 -24.64
C TRP A 359 19.74 5.62 -25.58
N PHE A 360 19.33 5.39 -26.83
CA PHE A 360 20.14 4.70 -27.84
C PHE A 360 21.35 5.50 -28.31
N ALA A 361 21.24 6.83 -28.28
CA ALA A 361 22.35 7.74 -28.55
C ALA A 361 23.43 7.63 -27.46
N GLU A 362 22.98 7.53 -26.21
CA GLU A 362 23.84 7.32 -25.05
C GLU A 362 24.43 5.92 -25.02
N PHE A 363 23.68 4.96 -25.60
CA PHE A 363 24.11 3.57 -25.71
C PHE A 363 25.29 3.41 -26.67
N TRP A 364 25.23 4.12 -27.81
CA TRP A 364 26.25 4.05 -28.86
C TRP A 364 27.64 4.49 -28.40
N GLU A 365 27.67 5.47 -27.48
CA GLU A 365 28.91 5.96 -26.88
C GLU A 365 29.52 4.96 -25.89
N GLU A 366 28.67 4.32 -25.09
CA GLU A 366 29.11 3.34 -24.08
C GLU A 366 29.51 2.00 -24.68
N ASN A 367 28.90 1.63 -25.80
CA ASN A 367 29.09 0.32 -26.44
C ASN A 367 30.41 0.19 -27.20
N PHE A 368 30.78 1.23 -27.95
CA PHE A 368 31.96 1.19 -28.83
C PHE A 368 33.14 2.04 -28.32
N GLY A 369 32.90 2.84 -27.29
CA GLY A 369 33.87 3.83 -26.81
C GLY A 369 33.78 5.12 -27.63
N CYS A 370 32.63 5.29 -28.29
CA CYS A 370 32.35 6.41 -29.19
C CYS A 370 32.13 7.72 -28.43
N LYS A 371 32.28 8.84 -29.14
CA LYS A 371 32.01 10.17 -28.60
C LYS A 371 31.42 11.08 -29.68
N LEU A 372 30.25 11.66 -29.39
CA LEU A 372 29.57 12.58 -30.30
C LEU A 372 29.67 14.02 -29.81
N CYS A 385 34.93 9.43 -33.56
CA CYS A 385 33.91 8.42 -33.82
C CYS A 385 33.21 8.65 -35.16
N THR A 386 32.84 7.55 -35.82
CA THR A 386 32.23 7.58 -37.15
C THR A 386 30.69 7.64 -37.11
N GLY A 387 30.09 6.82 -36.24
CA GLY A 387 28.64 6.70 -36.14
C GLY A 387 28.04 5.83 -37.24
N LEU A 388 28.75 4.76 -37.59
CA LEU A 388 28.31 3.80 -38.60
C LEU A 388 28.73 2.35 -38.25
N GLU A 389 28.92 2.12 -36.95
CA GLU A 389 29.37 0.81 -36.43
C GLU A 389 28.26 -0.25 -36.47
N ARG A 390 28.66 -1.51 -36.32
CA ARG A 390 27.74 -2.64 -36.28
C ARG A 390 27.91 -3.47 -35.00
N ILE A 391 26.78 -3.83 -34.39
CA ILE A 391 26.74 -4.66 -33.18
C ILE A 391 27.06 -6.11 -33.54
N ALA A 392 27.81 -6.79 -32.66
CA ALA A 392 28.36 -8.15 -32.87
C ALA A 392 29.36 -8.22 -34.04
N ARG A 393 29.99 -7.08 -34.33
CA ARG A 393 31.01 -6.96 -35.38
C ARG A 393 32.17 -6.07 -34.91
N ASP A 394 31.82 -4.95 -34.28
CA ASP A 394 32.80 -3.99 -33.76
C ASP A 394 32.99 -4.05 -32.24
N SER A 395 31.98 -4.61 -31.55
CA SER A 395 32.05 -4.86 -30.11
C SER A 395 31.42 -6.22 -29.76
N SER A 396 31.93 -6.84 -28.69
CA SER A 396 31.49 -8.16 -28.23
C SER A 396 30.03 -8.13 -27.75
N TYR A 397 29.23 -9.07 -28.26
CA TYR A 397 27.79 -9.09 -28.00
C TYR A 397 27.28 -10.45 -27.51
N GLU A 398 26.55 -10.39 -26.40
CA GLU A 398 25.74 -11.50 -25.89
C GLU A 398 24.37 -10.99 -25.49
N GLN A 399 23.33 -11.74 -25.86
CA GLN A 399 21.95 -11.44 -25.45
C GLN A 399 21.82 -11.64 -23.95
N GLU A 400 21.18 -10.67 -23.29
CA GLU A 400 20.96 -10.71 -21.84
C GLU A 400 20.01 -11.84 -21.45
N GLY A 401 20.18 -12.35 -20.23
CA GLY A 401 19.42 -13.48 -19.71
C GLY A 401 17.91 -13.28 -19.63
N LYS A 402 17.49 -12.18 -19.02
CA LYS A 402 16.08 -11.89 -18.75
C LYS A 402 15.25 -11.52 -20.00
N VAL A 403 15.91 -11.44 -21.16
CA VAL A 403 15.27 -11.07 -22.44
C VAL A 403 14.07 -11.96 -22.79
N GLN A 404 14.22 -13.28 -22.61
CA GLN A 404 13.13 -14.25 -22.79
C GLN A 404 11.91 -13.90 -21.93
N PHE A 405 12.17 -13.53 -20.68
CA PHE A 405 11.12 -13.18 -19.72
C PHE A 405 10.47 -11.82 -20.01
N VAL A 406 11.23 -10.91 -20.64
CA VAL A 406 10.68 -9.60 -21.06
C VAL A 406 9.64 -9.80 -22.17
N ILE A 407 10.01 -10.56 -23.20
CA ILE A 407 9.11 -10.88 -24.33
C ILE A 407 7.87 -11.64 -23.84
N ASP A 408 8.10 -12.63 -22.96
CA ASP A 408 7.02 -13.43 -22.37
C ASP A 408 6.08 -12.66 -21.45
N ALA A 409 6.58 -11.55 -20.88
CA ALA A 409 5.75 -10.65 -20.06
C ALA A 409 4.81 -9.79 -20.91
N VAL A 410 5.32 -9.28 -22.04
CA VAL A 410 4.54 -8.44 -22.97
C VAL A 410 3.44 -9.27 -23.65
N TYR A 411 3.81 -10.47 -24.11
CA TYR A 411 2.86 -11.41 -24.71
C TYR A 411 1.77 -11.88 -23.75
N SER A 412 2.14 -12.04 -22.47
CA SER A 412 1.19 -12.37 -21.40
C SER A 412 0.11 -11.29 -21.22
N MET A 413 0.53 -10.03 -21.36
CA MET A 413 -0.36 -8.88 -21.31
C MET A 413 -1.23 -8.81 -22.57
N ALA A 414 -0.61 -9.09 -23.72
CA ALA A 414 -1.28 -9.09 -25.02
C ALA A 414 -2.36 -10.16 -25.14
N TYR A 415 -2.02 -11.39 -24.74
CA TYR A 415 -2.96 -12.52 -24.76
C TYR A 415 -4.17 -12.31 -23.84
N ALA A 416 -3.94 -11.68 -22.70
CA ALA A 416 -5.01 -11.35 -21.74
C ALA A 416 -5.95 -10.28 -22.29
N LEU A 417 -5.40 -9.29 -22.98
CA LEU A 417 -6.18 -8.25 -23.67
C LEU A 417 -6.98 -8.84 -24.85
N HIS A 418 -6.36 -9.80 -25.55
CA HIS A 418 -7.01 -10.55 -26.63
C HIS A 418 -8.17 -11.40 -26.11
N ASN A 419 -7.98 -12.03 -24.95
CA ASN A 419 -9.00 -12.83 -24.29
C ASN A 419 -10.15 -11.99 -23.74
N MET A 420 -9.83 -10.78 -23.26
CA MET A 420 -10.81 -9.81 -22.79
C MET A 420 -11.66 -9.27 -23.94
N HIS A 421 -11.01 -9.06 -25.09
CA HIS A 421 -11.67 -8.63 -26.33
C HIS A 421 -12.66 -9.68 -26.86
N LYS A 422 -12.29 -10.96 -26.72
CA LYS A 422 -13.15 -12.08 -27.10
C LYS A 422 -14.45 -12.12 -26.28
N ASP A 423 -14.34 -11.78 -24.99
CA ASP A 423 -15.47 -11.76 -24.07
C ASP A 423 -16.33 -10.50 -24.19
N LEU A 424 -15.68 -9.33 -24.25
CA LEU A 424 -16.38 -8.04 -24.21
C LEU A 424 -16.79 -7.45 -25.56
N CYS A 425 -16.00 -7.70 -26.60
CA CYS A 425 -16.32 -7.25 -27.96
C CYS A 425 -16.43 -8.45 -28.92
N PRO A 426 -17.55 -9.21 -28.84
CA PRO A 426 -17.68 -10.39 -29.70
C PRO A 426 -18.06 -10.03 -31.14
N GLY A 427 -17.39 -10.65 -32.11
CA GLY A 427 -17.60 -10.40 -33.54
C GLY A 427 -17.26 -8.98 -33.95
N TYR A 428 -16.22 -8.43 -33.34
CA TYR A 428 -15.85 -7.02 -33.49
C TYR A 428 -14.38 -6.88 -33.87
N ILE A 429 -14.12 -6.01 -34.83
CA ILE A 429 -12.75 -5.70 -35.28
C ILE A 429 -12.33 -4.34 -34.71
N GLY A 430 -11.32 -4.36 -33.85
CA GLY A 430 -10.87 -3.16 -33.12
C GLY A 430 -11.55 -3.05 -31.76
N LEU A 431 -11.30 -1.92 -31.07
CA LEU A 431 -11.89 -1.66 -29.75
C LEU A 431 -13.37 -1.31 -29.85
N CYS A 432 -14.17 -1.97 -29.01
CA CYS A 432 -15.59 -1.67 -28.85
C CYS A 432 -15.78 -0.64 -27.72
N PRO A 433 -16.90 0.14 -27.75
CA PRO A 433 -17.20 1.10 -26.67
C PRO A 433 -17.26 0.53 -25.24
N ARG A 434 -17.52 -0.78 -25.13
CA ARG A 434 -17.50 -1.48 -23.84
C ARG A 434 -16.08 -1.66 -23.29
N MET A 435 -15.07 -1.54 -24.16
CA MET A 435 -13.65 -1.58 -23.78
C MET A 435 -12.96 -0.21 -23.88
N SER A 436 -13.74 0.86 -23.79
CA SER A 436 -13.22 2.23 -23.79
C SER A 436 -12.38 2.52 -22.54
N THR A 437 -12.85 2.01 -21.41
CA THR A 437 -12.10 2.02 -20.15
C THR A 437 -11.93 0.59 -19.64
N ILE A 438 -10.70 0.08 -19.73
CA ILE A 438 -10.35 -1.29 -19.34
C ILE A 438 -10.25 -1.38 -17.82
N ASP A 439 -10.98 -2.33 -17.24
CA ASP A 439 -10.94 -2.57 -15.79
C ASP A 439 -9.72 -3.43 -15.42
N GLY A 440 -8.87 -2.87 -14.58
CA GLY A 440 -7.64 -3.53 -14.11
C GLY A 440 -7.89 -4.74 -13.24
N LYS A 441 -8.96 -4.69 -12.44
CA LYS A 441 -9.38 -5.82 -11.60
C LYS A 441 -9.84 -7.02 -12.42
N GLU A 442 -10.48 -6.74 -13.56
CA GLU A 442 -10.89 -7.77 -14.52
C GLU A 442 -9.70 -8.33 -15.30
N LEU A 443 -8.86 -7.43 -15.81
CA LEU A 443 -7.68 -7.78 -16.62
C LEU A 443 -6.65 -8.62 -15.86
N LEU A 444 -6.52 -8.36 -14.56
CA LEU A 444 -5.64 -9.14 -13.67
C LEU A 444 -6.00 -10.63 -13.66
N GLY A 445 -7.31 -10.91 -13.56
CA GLY A 445 -7.83 -12.28 -13.63
C GLY A 445 -7.55 -12.98 -14.96
N TYR A 446 -7.58 -12.20 -16.05
CA TYR A 446 -7.26 -12.69 -17.39
C TYR A 446 -5.80 -13.10 -17.53
N ILE A 447 -4.89 -12.30 -16.97
CA ILE A 447 -3.44 -12.56 -16.97
C ILE A 447 -3.12 -13.90 -16.31
N ARG A 448 -3.71 -14.13 -15.12
CA ARG A 448 -3.49 -15.36 -14.34
C ARG A 448 -3.96 -16.62 -15.06
N ALA A 449 -5.03 -16.49 -15.86
CA ALA A 449 -5.62 -17.61 -16.61
C ALA A 449 -4.90 -17.92 -17.94
N VAL A 450 -4.05 -17.00 -18.38
CA VAL A 450 -3.33 -17.09 -19.66
C VAL A 450 -2.37 -18.29 -19.72
N ASN A 451 -2.45 -19.05 -20.82
CA ASN A 451 -1.57 -20.18 -21.09
C ASN A 451 -1.21 -20.27 -22.58
N PHE A 452 0.08 -20.14 -22.87
CA PHE A 452 0.60 -20.12 -24.25
C PHE A 452 2.08 -20.50 -24.32
N ASN A 453 2.52 -20.96 -25.49
CA ASN A 453 3.95 -21.17 -25.77
C ASN A 453 4.57 -19.88 -26.27
N GLY A 454 5.59 -19.41 -25.56
CA GLY A 454 6.21 -18.10 -25.85
C GLY A 454 7.72 -18.11 -25.97
N SER A 455 8.21 -17.39 -26.98
CA SER A 455 9.64 -17.17 -27.26
C SER A 455 10.48 -18.43 -27.48
N ALA A 456 10.77 -19.15 -26.39
CA ALA A 456 11.61 -20.35 -26.43
C ALA A 456 10.85 -21.61 -26.86
N GLY A 457 9.52 -21.52 -26.93
CA GLY A 457 8.64 -22.65 -27.20
C GLY A 457 8.12 -23.29 -25.92
N THR A 458 8.57 -22.74 -24.79
CA THR A 458 8.15 -23.18 -23.45
C THR A 458 6.83 -22.54 -23.04
N PRO A 459 5.98 -23.30 -22.28
CA PRO A 459 4.71 -22.75 -21.78
C PRO A 459 4.87 -21.63 -20.76
N VAL A 460 4.00 -20.64 -20.83
CA VAL A 460 3.94 -19.52 -19.89
C VAL A 460 2.62 -19.59 -19.13
N THR A 461 2.71 -19.74 -17.82
CA THR A 461 1.53 -19.90 -16.95
C THR A 461 1.69 -19.19 -15.60
N PHE A 462 0.55 -18.93 -14.95
CA PHE A 462 0.50 -18.29 -13.64
C PHE A 462 -0.43 -19.06 -12.71
N ASN A 463 -0.14 -19.01 -11.40
CA ASN A 463 -1.04 -19.57 -10.39
C ASN A 463 -2.02 -18.52 -9.86
N GLU A 464 -2.73 -18.87 -8.78
CA GLU A 464 -3.67 -17.95 -8.11
C GLU A 464 -2.98 -16.75 -7.47
N ASN A 465 -1.75 -16.96 -6.98
CA ASN A 465 -0.94 -15.91 -6.35
C ASN A 465 -0.18 -15.02 -7.33
N GLY A 466 -0.11 -15.45 -8.60
CA GLY A 466 0.53 -14.68 -9.67
C GLY A 466 1.99 -15.04 -9.92
N ASP A 467 2.34 -16.29 -9.66
CA ASP A 467 3.72 -16.77 -9.80
C ASP A 467 3.88 -17.72 -10.97
N ALA A 468 5.05 -17.66 -11.59
CA ALA A 468 5.49 -18.65 -12.57
C ALA A 468 5.90 -19.93 -11.84
N PRO A 469 5.78 -21.11 -12.51
CA PRO A 469 6.26 -22.35 -11.90
C PRO A 469 7.78 -22.38 -11.67
N GLY A 470 8.20 -23.07 -10.62
CA GLY A 470 9.62 -23.23 -10.28
C GLY A 470 10.33 -24.15 -11.25
N ARG A 471 10.84 -23.58 -12.34
CA ARG A 471 11.66 -24.29 -13.31
C ARG A 471 13.06 -23.69 -13.35
N TYR A 472 14.05 -24.46 -12.89
CA TYR A 472 15.42 -23.97 -12.72
C TYR A 472 16.47 -24.83 -13.41
N ASP A 473 17.61 -24.21 -13.72
CA ASP A 473 18.84 -24.89 -14.14
C ASP A 473 19.86 -24.84 -13.01
N ILE A 474 20.59 -25.94 -12.81
CA ILE A 474 21.63 -26.01 -11.78
C ILE A 474 23.02 -26.15 -12.42
N PHE A 475 23.87 -25.18 -12.15
CA PHE A 475 25.23 -25.10 -12.70
C PHE A 475 26.30 -25.32 -11.63
N GLN A 476 27.46 -25.82 -12.07
CA GLN A 476 28.67 -25.83 -11.24
C GLN A 476 29.85 -25.26 -12.02
N TYR A 477 30.56 -24.32 -11.40
CA TYR A 477 31.74 -23.68 -12.00
C TYR A 477 32.94 -24.62 -11.88
N GLN A 478 33.44 -25.05 -13.03
CA GLN A 478 34.49 -26.07 -13.11
C GLN A 478 35.71 -25.61 -13.90
N ILE A 479 36.89 -26.06 -13.47
CA ILE A 479 38.13 -25.84 -14.21
C ILE A 479 38.64 -27.15 -14.86
N THR A 480 38.93 -27.07 -16.16
CA THR A 480 39.42 -28.21 -16.93
C THR A 480 40.55 -27.81 -17.87
N SER A 483 40.61 -24.00 -19.28
CA SER A 483 39.19 -24.14 -19.60
C SER A 483 38.32 -23.92 -18.36
N THR A 484 37.40 -22.96 -18.47
CA THR A 484 36.45 -22.62 -17.42
C THR A 484 35.02 -22.56 -17.97
N GLU A 485 34.10 -23.26 -17.30
CA GLU A 485 32.69 -23.32 -17.72
C GLU A 485 31.72 -23.49 -16.56
N TYR A 486 30.48 -23.07 -16.79
CA TYR A 486 29.35 -23.37 -15.90
C TYR A 486 28.62 -24.59 -16.45
N LYS A 487 28.99 -25.77 -15.95
CA LYS A 487 28.45 -27.04 -16.44
C LYS A 487 27.07 -27.33 -15.83
N VAL A 488 26.13 -27.75 -16.67
CA VAL A 488 24.76 -28.08 -16.26
C VAL A 488 24.77 -29.41 -15.49
N ILE A 489 24.86 -29.31 -14.16
CA ILE A 489 24.92 -30.49 -13.28
C ILE A 489 23.53 -31.01 -12.86
N GLY A 490 22.48 -30.28 -13.23
CA GLY A 490 21.10 -30.70 -12.93
C GLY A 490 20.03 -29.65 -13.18
N HIS A 491 18.81 -29.98 -12.79
CA HIS A 491 17.64 -29.08 -12.90
C HIS A 491 16.62 -29.30 -11.78
N TRP A 492 15.81 -28.27 -11.53
CA TRP A 492 14.74 -28.33 -10.52
C TRP A 492 13.40 -27.92 -11.13
N THR A 493 12.49 -28.89 -11.22
CA THR A 493 11.11 -28.66 -11.66
C THR A 493 10.17 -29.43 -10.73
N ASN A 494 9.67 -28.72 -9.71
CA ASN A 494 8.92 -29.29 -8.57
C ASN A 494 9.74 -30.22 -7.67
N GLN A 495 10.49 -31.13 -8.28
CA GLN A 495 11.40 -32.04 -7.59
C GLN A 495 12.82 -31.91 -8.15
N LEU A 496 13.80 -32.18 -7.30
CA LEU A 496 15.22 -32.11 -7.68
C LEU A 496 15.65 -33.27 -8.58
N HIS A 497 16.27 -32.91 -9.71
CA HIS A 497 16.89 -33.89 -10.60
C HIS A 497 18.34 -33.48 -10.82
N LEU A 498 19.20 -34.01 -9.95
CA LEU A 498 20.60 -33.59 -9.89
C LEU A 498 21.56 -34.74 -10.20
N LYS A 499 22.46 -34.48 -11.15
CA LYS A 499 23.49 -35.45 -11.55
C LYS A 499 24.76 -35.21 -10.74
N VAL A 500 24.88 -35.96 -9.64
CA VAL A 500 26.02 -35.83 -8.70
C VAL A 500 27.35 -36.37 -9.25
N GLU A 501 27.26 -37.19 -10.30
CA GLU A 501 28.42 -37.81 -10.96
C GLU A 501 29.29 -36.77 -11.70
N ASP A 502 28.64 -35.74 -12.22
CA ASP A 502 29.29 -34.71 -13.05
C ASP A 502 30.01 -33.61 -12.26
N MET A 503 29.87 -33.63 -10.93
CA MET A 503 30.45 -32.62 -10.04
C MET A 503 31.96 -32.79 -9.86
N GLN A 504 32.63 -31.65 -9.65
CA GLN A 504 34.08 -31.60 -9.41
C GLN A 504 34.43 -30.58 -8.34
N TRP A 505 35.44 -30.90 -7.54
CA TRP A 505 35.95 -30.02 -6.49
C TRP A 505 37.48 -29.95 -6.47
N ALA A 506 38.00 -28.93 -5.78
CA ALA A 506 39.45 -28.72 -5.63
C ALA A 506 40.05 -29.71 -4.64
N HIS B 39 -12.66 23.15 -5.83
CA HIS B 39 -13.25 22.42 -4.66
C HIS B 39 -12.18 22.00 -3.64
N SER B 40 -11.48 23.00 -3.10
CA SER B 40 -10.49 22.83 -2.04
C SER B 40 -10.28 24.13 -1.27
N ILE B 41 -9.98 24.01 0.02
CA ILE B 41 -9.64 25.17 0.85
C ILE B 41 -8.11 25.31 0.90
N ARG B 42 -7.64 26.43 0.36
CA ARG B 42 -6.21 26.72 0.27
C ARG B 42 -5.85 27.98 1.05
N VAL B 43 -5.15 27.79 2.18
CA VAL B 43 -4.63 28.89 2.99
C VAL B 43 -3.11 28.76 3.03
N ASP B 44 -2.42 29.81 2.57
CA ASP B 44 -0.96 29.82 2.51
C ASP B 44 -0.32 30.03 3.88
N GLY B 45 0.80 29.35 4.09
CA GLY B 45 1.60 29.47 5.32
C GLY B 45 3.04 29.03 5.11
N ASP B 46 3.78 28.96 6.23
CA ASP B 46 5.18 28.50 6.21
C ASP B 46 5.23 26.98 6.14
N ILE B 47 4.55 26.32 7.09
CA ILE B 47 4.40 24.86 7.09
C ILE B 47 2.94 24.55 6.79
N ILE B 48 2.70 23.84 5.69
CA ILE B 48 1.34 23.60 5.19
C ILE B 48 0.85 22.20 5.54
N LEU B 49 -0.24 22.15 6.31
CA LEU B 49 -0.86 20.92 6.77
C LEU B 49 -2.03 20.51 5.88
N GLY B 50 -2.03 19.23 5.49
CA GLY B 50 -3.11 18.65 4.68
C GLY B 50 -4.32 18.24 5.50
N GLY B 51 -5.48 18.26 4.86
CA GLY B 51 -6.74 17.90 5.50
C GLY B 51 -7.60 17.01 4.63
N LEU B 52 -8.20 15.99 5.24
CA LEU B 52 -9.13 15.08 4.56
C LEU B 52 -10.39 14.85 5.39
N PHE B 53 -11.53 15.27 4.84
CA PHE B 53 -12.81 15.26 5.53
C PHE B 53 -13.94 14.79 4.61
N PRO B 54 -14.98 14.12 5.16
CA PRO B 54 -16.11 13.72 4.33
C PRO B 54 -17.16 14.83 4.24
N VAL B 55 -16.86 15.86 3.43
CA VAL B 55 -17.75 17.00 3.21
C VAL B 55 -19.06 16.56 2.54
N HIS B 56 -18.95 15.56 1.67
CA HIS B 56 -20.11 14.92 1.03
C HIS B 56 -20.12 13.42 1.31
N ALA B 57 -21.31 12.83 1.21
CA ALA B 57 -21.50 11.39 1.38
C ALA B 57 -21.23 10.65 0.06
N LYS B 58 -21.27 9.31 0.12
CA LYS B 58 -21.12 8.44 -1.05
C LYS B 58 -22.20 8.73 -2.09
N GLY B 59 -21.77 8.98 -3.33
CA GLY B 59 -22.68 9.18 -4.46
C GLY B 59 -23.35 7.89 -4.89
N GLU B 60 -24.59 8.01 -5.36
CA GLU B 60 -25.37 6.85 -5.79
C GLU B 60 -24.99 6.41 -7.20
N ARG B 61 -24.67 5.12 -7.33
CA ARG B 61 -24.32 4.44 -8.60
C ARG B 61 -23.20 5.08 -9.42
N GLY B 62 -23.55 6.11 -10.20
CA GLY B 62 -22.61 6.76 -11.13
C GLY B 62 -21.74 7.83 -10.51
N VAL B 63 -22.39 8.82 -9.90
CA VAL B 63 -21.71 10.00 -9.30
C VAL B 63 -20.74 9.65 -8.16
N PRO B 64 -19.62 10.39 -8.05
CA PRO B 64 -18.67 10.14 -6.95
C PRO B 64 -19.14 10.67 -5.60
N CYS B 65 -19.80 11.83 -5.59
CA CYS B 65 -20.21 12.50 -4.35
C CYS B 65 -21.71 12.73 -4.29
N GLY B 66 -22.29 12.51 -3.11
CA GLY B 66 -23.73 12.64 -2.88
C GLY B 66 -24.13 13.84 -2.06
N GLU B 67 -25.00 13.60 -1.07
CA GLU B 67 -25.52 14.64 -0.17
C GLU B 67 -24.45 15.18 0.78
N LEU B 68 -24.56 16.46 1.12
CA LEU B 68 -23.62 17.14 2.01
C LEU B 68 -23.78 16.67 3.46
N LYS B 69 -22.66 16.23 4.04
CA LYS B 69 -22.59 15.91 5.47
C LYS B 69 -22.31 17.21 6.23
N LYS B 70 -23.33 17.70 6.94
CA LYS B 70 -23.24 18.93 7.72
C LYS B 70 -22.34 18.77 8.95
N GLU B 71 -22.58 17.71 9.72
CA GLU B 71 -21.90 17.46 10.98
C GLU B 71 -20.58 16.70 10.80
N LYS B 72 -20.61 15.64 10.00
CA LYS B 72 -19.42 14.82 9.72
C LYS B 72 -18.43 15.50 8.79
N GLY B 73 -18.91 16.46 8.00
CA GLY B 73 -18.09 17.20 7.04
C GLY B 73 -17.69 18.57 7.53
N ILE B 74 -18.63 19.52 7.45
CA ILE B 74 -18.38 20.95 7.70
C ILE B 74 -17.86 21.24 9.11
N HIS B 75 -18.50 20.66 10.13
CA HIS B 75 -18.10 20.84 11.55
C HIS B 75 -16.63 20.48 11.80
N ARG B 76 -16.22 19.31 11.30
CA ARG B 76 -14.85 18.81 11.46
C ARG B 76 -13.86 19.57 10.59
N LEU B 77 -14.28 19.91 9.37
CA LEU B 77 -13.50 20.73 8.43
C LEU B 77 -13.19 22.10 9.05
N GLU B 78 -14.21 22.72 9.63
CA GLU B 78 -14.09 24.02 10.28
C GLU B 78 -13.37 23.94 11.64
N ALA B 79 -13.34 22.75 12.23
CA ALA B 79 -12.60 22.49 13.47
C ALA B 79 -11.08 22.51 13.26
N MET B 80 -10.64 22.03 12.09
CA MET B 80 -9.24 22.13 11.67
C MET B 80 -8.87 23.59 11.39
N LEU B 81 -9.75 24.30 10.69
CA LEU B 81 -9.58 25.73 10.39
C LEU B 81 -9.60 26.61 11.64
N TYR B 82 -10.41 26.21 12.64
CA TYR B 82 -10.44 26.88 13.95
C TYR B 82 -9.10 26.70 14.68
N ALA B 83 -8.64 25.46 14.77
CA ALA B 83 -7.40 25.10 15.48
C ALA B 83 -6.18 25.81 14.89
N ILE B 84 -6.09 25.83 13.56
CA ILE B 84 -4.99 26.47 12.83
C ILE B 84 -4.93 27.99 13.09
N ASP B 85 -6.10 28.63 13.15
CA ASP B 85 -6.22 30.04 13.54
C ASP B 85 -5.76 30.31 14.97
N GLN B 86 -6.05 29.36 15.86
CA GLN B 86 -5.70 29.45 17.28
C GLN B 86 -4.20 29.27 17.54
N ILE B 87 -3.54 28.44 16.73
CA ILE B 87 -2.08 28.23 16.80
C ILE B 87 -1.35 29.49 16.27
N ASN B 88 -1.88 30.06 15.19
CA ASN B 88 -1.36 31.31 14.62
C ASN B 88 -1.61 32.54 15.52
N LYS B 89 -2.64 32.46 16.37
CA LYS B 89 -2.89 33.44 17.42
C LYS B 89 -1.96 33.24 18.61
N ASP B 90 -1.60 31.99 18.88
CA ASP B 90 -0.71 31.60 19.98
C ASP B 90 0.73 32.10 19.72
N PRO B 91 1.27 32.95 20.63
CA PRO B 91 2.63 33.46 20.45
C PRO B 91 3.73 32.50 20.92
N ASP B 92 3.36 31.53 21.75
CA ASP B 92 4.31 30.58 22.35
C ASP B 92 4.51 29.34 21.48
N LEU B 93 3.40 28.73 21.04
CA LEU B 93 3.43 27.56 20.15
C LEU B 93 3.68 28.00 18.71
N LEU B 94 4.75 27.46 18.13
CA LEU B 94 5.27 27.81 16.79
C LEU B 94 5.46 29.33 16.63
N SER B 95 6.49 29.83 17.32
CA SER B 95 6.78 31.27 17.40
C SER B 95 7.24 31.83 16.05
N ASN B 96 6.50 32.83 15.56
CA ASN B 96 6.72 33.49 14.26
C ASN B 96 6.77 32.54 13.05
N ILE B 97 6.00 31.44 13.14
CA ILE B 97 5.82 30.48 12.06
C ILE B 97 4.31 30.26 11.86
N THR B 98 3.84 30.44 10.62
CA THR B 98 2.41 30.29 10.28
C THR B 98 2.10 28.94 9.66
N LEU B 99 0.97 28.35 10.06
CA LEU B 99 0.52 27.06 9.54
C LEU B 99 -0.47 27.21 8.38
N GLY B 100 -0.23 26.41 7.33
CA GLY B 100 -1.04 26.42 6.12
C GLY B 100 -2.09 25.32 6.06
N VAL B 101 -2.96 25.40 5.05
CA VAL B 101 -4.12 24.52 4.91
C VAL B 101 -4.25 24.00 3.47
N ARG B 102 -4.42 22.68 3.36
CA ARG B 102 -4.91 22.06 2.12
C ARG B 102 -5.95 20.99 2.47
N ILE B 103 -7.18 21.47 2.73
CA ILE B 103 -8.30 20.60 3.07
C ILE B 103 -9.01 20.15 1.79
N LEU B 104 -9.15 18.83 1.65
CA LEU B 104 -9.78 18.22 0.49
C LEU B 104 -10.95 17.31 0.88
N ASP B 105 -11.93 17.20 -0.02
CA ASP B 105 -13.10 16.35 0.15
C ASP B 105 -12.78 14.90 -0.20
N THR B 106 -13.12 13.99 0.70
CA THR B 106 -12.94 12.55 0.47
C THR B 106 -14.16 11.93 -0.22
N CYS B 107 -15.32 12.55 -0.01
CA CYS B 107 -16.64 12.07 -0.48
C CYS B 107 -17.00 10.66 0.04
N SER B 108 -16.56 10.38 1.27
CA SER B 108 -16.77 9.09 1.97
C SER B 108 -16.23 7.86 1.21
N ARG B 109 -15.64 8.12 0.04
CA ARG B 109 -15.20 7.09 -0.91
C ARG B 109 -13.68 7.05 -0.93
N ASP B 110 -13.13 5.86 -0.67
CA ASP B 110 -11.68 5.64 -0.62
C ASP B 110 -10.95 5.90 -1.93
N THR B 111 -11.60 5.55 -3.05
CA THR B 111 -11.05 5.76 -4.40
C THR B 111 -10.96 7.25 -4.76
N TYR B 112 -11.93 8.04 -4.29
CA TYR B 112 -11.96 9.49 -4.50
C TYR B 112 -10.87 10.20 -3.67
N ALA B 113 -10.66 9.72 -2.45
CA ALA B 113 -9.68 10.27 -1.52
C ALA B 113 -8.23 10.06 -1.98
N LEU B 114 -7.98 8.91 -2.63
CA LEU B 114 -6.69 8.58 -3.24
C LEU B 114 -6.34 9.56 -4.36
N GLU B 115 -7.32 9.86 -5.21
CA GLU B 115 -7.18 10.83 -6.30
C GLU B 115 -6.92 12.25 -5.81
N GLN B 116 -7.49 12.58 -4.64
CA GLN B 116 -7.24 13.85 -3.96
C GLN B 116 -5.89 13.87 -3.26
N SER B 117 -5.46 12.71 -2.77
CA SER B 117 -4.16 12.56 -2.08
C SER B 117 -2.95 12.81 -2.99
N LEU B 118 -3.14 12.71 -4.31
CA LEU B 118 -2.09 13.00 -5.29
C LEU B 118 -1.66 14.46 -5.33
N THR B 119 -2.57 15.36 -4.97
CA THR B 119 -2.27 16.81 -4.92
C THR B 119 -1.39 17.19 -3.73
N PHE B 120 -1.36 16.31 -2.72
CA PHE B 120 -0.41 16.45 -1.60
C PHE B 120 1.03 16.16 -2.03
N VAL B 121 1.19 15.18 -2.92
CA VAL B 121 2.52 14.67 -3.31
C VAL B 121 3.04 15.25 -4.64
N GLN B 122 2.25 16.09 -5.30
CA GLN B 122 2.64 16.72 -6.57
C GLN B 122 3.69 17.84 -6.40
N ALA B 123 4.12 18.07 -5.16
CA ALA B 123 5.24 18.96 -4.85
C ALA B 123 6.59 18.29 -5.19
N LEU B 124 6.58 16.95 -5.20
CA LEU B 124 7.77 16.15 -5.50
C LEU B 124 7.68 15.50 -6.88
N ILE B 125 7.49 16.32 -7.91
CA ILE B 125 7.33 15.87 -9.31
C ILE B 125 7.80 16.93 -10.32
N GLU B 126 8.12 16.47 -11.54
CA GLU B 126 8.44 17.35 -12.66
C GLU B 126 7.76 16.88 -13.94
N PRO B 145 4.28 24.91 -6.56
CA PRO B 145 3.65 23.91 -5.71
C PRO B 145 4.11 24.00 -4.25
N ASP B 146 3.19 23.67 -3.34
CA ASP B 146 3.48 23.70 -1.91
C ASP B 146 3.68 22.29 -1.34
N LYS B 147 4.72 22.16 -0.51
CA LYS B 147 5.03 20.89 0.15
C LYS B 147 4.17 20.71 1.40
N ILE B 148 3.57 19.51 1.51
CA ILE B 148 2.73 19.14 2.66
C ILE B 148 3.58 18.34 3.64
N SER B 149 3.62 18.80 4.88
CA SER B 149 4.42 18.17 5.94
C SER B 149 3.69 17.03 6.66
N GLY B 150 2.37 17.19 6.82
CA GLY B 150 1.52 16.19 7.49
C GLY B 150 0.06 16.36 7.14
N VAL B 151 -0.69 15.25 7.19
CA VAL B 151 -2.10 15.23 6.80
C VAL B 151 -3.01 14.85 7.97
N ILE B 152 -4.00 15.70 8.25
CA ILE B 152 -5.06 15.41 9.23
C ILE B 152 -6.20 14.70 8.51
N GLY B 153 -6.50 13.48 8.95
CA GLY B 153 -7.52 12.63 8.34
C GLY B 153 -7.13 11.15 8.32
N ALA B 154 -8.00 10.28 7.80
CA ALA B 154 -9.35 10.63 7.36
C ALA B 154 -10.40 10.14 8.37
N ALA B 155 -11.68 10.29 8.04
CA ALA B 155 -12.76 9.88 8.94
C ALA B 155 -12.97 8.36 8.96
N ALA B 156 -13.47 7.81 7.85
CA ALA B 156 -13.74 6.39 7.72
C ALA B 156 -12.45 5.57 7.64
N SER B 157 -12.48 4.39 8.25
CA SER B 157 -11.32 3.50 8.36
C SER B 157 -10.84 2.96 7.01
N SER B 158 -11.78 2.60 6.14
CA SER B 158 -11.47 2.14 4.78
C SER B 158 -10.86 3.24 3.92
N VAL B 159 -11.31 4.47 4.15
CA VAL B 159 -10.77 5.66 3.48
C VAL B 159 -9.35 5.95 3.96
N SER B 160 -9.13 5.89 5.28
CA SER B 160 -7.82 6.12 5.89
C SER B 160 -6.75 5.12 5.47
N ILE B 161 -7.14 3.85 5.30
CA ILE B 161 -6.24 2.78 4.83
C ILE B 161 -5.67 3.11 3.44
N MET B 162 -6.56 3.50 2.53
CA MET B 162 -6.19 3.92 1.17
C MET B 162 -5.22 5.10 1.18
N VAL B 163 -5.44 6.05 2.07
CA VAL B 163 -4.60 7.24 2.23
C VAL B 163 -3.26 6.90 2.89
N ALA B 164 -3.29 5.99 3.87
CA ALA B 164 -2.08 5.53 4.58
C ALA B 164 -1.09 4.80 3.68
N ASN B 165 -1.60 4.13 2.65
CA ASN B 165 -0.79 3.39 1.69
C ASN B 165 -0.02 4.28 0.71
N ILE B 166 -0.62 5.40 0.30
CA ILE B 166 0.04 6.35 -0.61
C ILE B 166 0.99 7.32 0.14
N LEU B 167 0.60 7.71 1.35
CA LEU B 167 1.40 8.65 2.15
C LEU B 167 2.67 8.04 2.76
N ARG B 168 2.65 6.73 2.99
CA ARG B 168 3.84 6.01 3.51
C ARG B 168 4.97 5.91 2.48
N LEU B 169 4.59 5.89 1.21
CA LEU B 169 5.53 5.82 0.09
C LEU B 169 6.27 7.14 -0.10
N PHE B 170 5.56 8.25 0.13
CA PHE B 170 6.13 9.59 0.02
C PHE B 170 6.47 10.21 1.38
N LYS B 171 6.42 9.38 2.43
CA LYS B 171 6.88 9.69 3.79
C LYS B 171 6.19 10.89 4.44
N ILE B 172 4.86 10.90 4.37
CA ILE B 172 4.05 11.95 5.00
C ILE B 172 3.26 11.37 6.18
N PRO B 173 3.51 11.87 7.41
CA PRO B 173 2.78 11.46 8.61
C PRO B 173 1.29 11.82 8.56
N GLN B 174 0.47 10.95 9.13
CA GLN B 174 -0.98 11.08 9.06
C GLN B 174 -1.61 10.84 10.43
N ILE B 175 -2.29 11.86 10.96
CA ILE B 175 -3.01 11.74 12.24
C ILE B 175 -4.53 11.76 11.99
N SER B 176 -5.18 10.66 12.34
CA SER B 176 -6.62 10.48 12.15
C SER B 176 -7.41 10.86 13.40
N TYR B 177 -8.64 11.33 13.16
CA TYR B 177 -9.55 11.81 14.19
C TYR B 177 -10.73 10.88 14.46
N ALA B 178 -10.88 9.84 13.63
CA ALA B 178 -12.08 8.99 13.65
C ALA B 178 -11.87 7.52 13.32
N SER B 179 -10.85 7.21 12.51
CA SER B 179 -10.59 5.84 12.06
C SER B 179 -10.10 4.93 13.20
N THR B 180 -10.82 3.84 13.41
CA THR B 180 -10.63 2.98 14.59
C THR B 180 -10.25 1.52 14.29
N ALA B 181 -10.17 1.15 13.01
CA ALA B 181 -9.87 -0.22 12.60
C ALA B 181 -8.53 -0.73 13.16
N PRO B 182 -8.53 -1.93 13.79
CA PRO B 182 -7.32 -2.51 14.42
C PRO B 182 -6.15 -2.78 13.46
N GLU B 183 -6.47 -2.96 12.17
CA GLU B 183 -5.46 -3.17 11.12
C GLU B 183 -4.52 -1.97 10.95
N LEU B 184 -5.01 -0.78 11.26
CA LEU B 184 -4.23 0.47 11.16
C LEU B 184 -3.12 0.62 12.21
N SER B 185 -3.15 -0.23 13.25
CA SER B 185 -2.11 -0.27 14.28
C SER B 185 -0.80 -0.87 13.78
N ASP B 186 -0.88 -1.70 12.73
CA ASP B 186 0.26 -2.39 12.13
C ASP B 186 1.23 -1.40 11.48
N ASN B 187 2.47 -1.39 11.97
CA ASN B 187 3.51 -0.47 11.50
C ASN B 187 4.32 -0.98 10.31
N THR B 188 4.17 -2.26 9.99
CA THR B 188 4.86 -2.88 8.85
C THR B 188 4.27 -2.43 7.51
N ARG B 189 2.98 -2.14 7.50
CA ARG B 189 2.26 -1.75 6.27
C ARG B 189 1.57 -0.37 6.35
N TYR B 190 1.44 0.17 7.56
CA TYR B 190 0.95 1.54 7.77
C TYR B 190 1.93 2.27 8.68
N ASP B 191 3.07 2.62 8.10
CA ASP B 191 4.24 3.16 8.81
C ASP B 191 4.02 4.58 9.35
N PHE B 192 3.42 5.43 8.53
CA PHE B 192 3.26 6.85 8.84
C PHE B 192 1.87 7.21 9.37
N PHE B 193 1.12 6.20 9.81
CA PHE B 193 -0.21 6.41 10.36
C PHE B 193 -0.21 6.47 11.89
N SER B 194 -0.83 7.52 12.41
CA SER B 194 -1.11 7.69 13.83
C SER B 194 -2.58 8.10 14.02
N ARG B 195 -3.08 7.95 15.24
CA ARG B 195 -4.47 8.30 15.54
C ARG B 195 -4.68 8.77 16.99
N VAL B 196 -5.48 9.83 17.12
CA VAL B 196 -5.85 10.40 18.42
C VAL B 196 -7.08 9.67 19.03
N VAL B 197 -7.68 8.78 18.24
CA VAL B 197 -8.73 7.87 18.71
C VAL B 197 -8.18 6.47 18.97
N PRO B 198 -8.69 5.76 20.02
CA PRO B 198 -8.25 4.39 20.29
C PRO B 198 -8.72 3.38 19.23
N PRO B 199 -7.91 2.32 18.97
CA PRO B 199 -8.31 1.23 18.06
C PRO B 199 -9.49 0.41 18.57
N ASP B 200 -10.15 -0.32 17.66
CA ASP B 200 -11.32 -1.14 17.97
C ASP B 200 -11.02 -2.37 18.84
N SER B 201 -9.74 -2.71 18.96
CA SER B 201 -9.27 -3.81 19.84
C SER B 201 -9.56 -3.53 21.31
N TYR B 202 -9.47 -2.26 21.71
CA TYR B 202 -9.85 -1.81 23.05
C TYR B 202 -11.38 -1.78 23.23
N GLN B 203 -12.09 -1.46 22.14
CA GLN B 203 -13.56 -1.44 22.13
C GLN B 203 -14.14 -2.86 22.18
N ALA B 204 -13.48 -3.80 21.49
CA ALA B 204 -13.84 -5.21 21.51
C ALA B 204 -13.56 -5.84 22.88
N GLN B 205 -12.49 -5.38 23.53
CA GLN B 205 -12.14 -5.78 24.90
C GLN B 205 -13.20 -5.31 25.90
N ALA B 206 -13.74 -4.12 25.68
CA ALA B 206 -14.84 -3.58 26.48
C ALA B 206 -16.14 -4.36 26.23
N MET B 207 -16.44 -4.62 24.96
CA MET B 207 -17.63 -5.38 24.54
C MET B 207 -17.73 -6.79 25.14
N VAL B 208 -16.57 -7.45 25.27
CA VAL B 208 -16.46 -8.76 25.94
C VAL B 208 -16.71 -8.59 27.45
N ASP B 209 -16.02 -7.61 28.05
CA ASP B 209 -16.11 -7.32 29.49
C ASP B 209 -17.51 -6.91 29.96
N ILE B 210 -18.24 -6.19 29.11
CA ILE B 210 -19.65 -5.83 29.37
C ILE B 210 -20.55 -7.08 29.31
N VAL B 211 -20.30 -7.93 28.31
CA VAL B 211 -21.03 -9.19 28.12
C VAL B 211 -20.79 -10.21 29.23
N THR B 212 -19.57 -10.21 29.80
CA THR B 212 -19.20 -11.08 30.91
C THR B 212 -19.83 -10.62 32.22
N ALA B 213 -19.80 -9.32 32.47
CA ALA B 213 -20.33 -8.71 33.70
C ALA B 213 -21.85 -8.82 33.83
N LEU B 214 -22.56 -8.74 32.70
CA LEU B 214 -24.01 -8.89 32.66
C LEU B 214 -24.44 -10.36 32.74
N GLY B 215 -23.54 -11.25 32.31
CA GLY B 215 -23.76 -12.70 32.40
C GLY B 215 -24.39 -13.31 31.16
N TRP B 216 -23.92 -12.89 29.99
CA TRP B 216 -24.38 -13.43 28.71
C TRP B 216 -23.27 -14.25 28.04
N ASN B 217 -23.58 -15.52 27.78
CA ASN B 217 -22.62 -16.47 27.21
C ASN B 217 -22.88 -16.80 25.74
N TYR B 218 -24.12 -16.63 25.30
CA TYR B 218 -24.55 -16.96 23.94
C TYR B 218 -24.88 -15.69 23.16
N VAL B 219 -24.00 -15.32 22.22
CA VAL B 219 -24.08 -14.05 21.48
C VAL B 219 -24.01 -14.23 19.96
N SER B 220 -24.55 -13.24 19.23
CA SER B 220 -24.47 -13.18 17.78
C SER B 220 -23.80 -11.89 17.32
N THR B 221 -23.03 -11.97 16.24
CA THR B 221 -22.27 -10.81 15.72
C THR B 221 -22.78 -10.31 14.37
N LEU B 222 -22.89 -8.99 14.27
CA LEU B 222 -23.39 -8.29 13.08
C LEU B 222 -22.45 -7.14 12.70
N ALA B 223 -22.15 -7.04 11.41
CA ALA B 223 -21.17 -6.05 10.90
C ALA B 223 -21.45 -5.59 9.48
N SER B 224 -21.05 -4.34 9.19
CA SER B 224 -21.12 -3.77 7.85
C SER B 224 -19.92 -4.22 7.01
N GLU B 225 -20.14 -4.28 5.68
CA GLU B 225 -19.08 -4.65 4.74
C GLU B 225 -18.03 -3.55 4.65
N GLY B 226 -16.77 -3.95 4.74
CA GLY B 226 -15.65 -3.03 4.81
C GLY B 226 -14.76 -3.31 6.01
N ASN B 227 -13.67 -2.55 6.12
CA ASN B 227 -12.64 -2.77 7.15
C ASN B 227 -13.08 -2.48 8.59
N TYR B 228 -13.99 -1.51 8.76
CA TYR B 228 -14.48 -1.12 10.09
C TYR B 228 -15.34 -2.21 10.74
N GLY B 229 -16.27 -2.77 9.97
CA GLY B 229 -17.19 -3.80 10.46
C GLY B 229 -16.53 -5.15 10.64
N GLU B 230 -15.91 -5.64 9.56
CA GLU B 230 -15.33 -6.99 9.51
C GLU B 230 -14.21 -7.22 10.53
N SER B 231 -13.28 -6.26 10.64
CA SER B 231 -12.17 -6.33 11.60
C SER B 231 -12.62 -6.07 13.04
N GLY B 232 -13.74 -5.38 13.20
CA GLY B 232 -14.35 -5.12 14.51
C GLY B 232 -14.92 -6.38 15.14
N VAL B 233 -15.61 -7.18 14.32
CA VAL B 233 -16.16 -8.49 14.73
C VAL B 233 -15.04 -9.51 14.97
N GLU B 234 -14.03 -9.49 14.09
CA GLU B 234 -12.82 -10.31 14.20
C GLU B 234 -12.08 -10.11 15.52
N ALA B 235 -11.98 -8.85 15.95
CA ALA B 235 -11.37 -8.49 17.22
C ALA B 235 -12.21 -8.93 18.43
N PHE B 236 -13.53 -8.96 18.26
CA PHE B 236 -14.46 -9.42 19.30
C PHE B 236 -14.42 -10.94 19.47
N THR B 237 -14.42 -11.67 18.34
CA THR B 237 -14.43 -13.14 18.34
C THR B 237 -13.13 -13.75 18.86
N GLN B 238 -12.00 -13.12 18.54
CA GLN B 238 -10.67 -13.56 18.97
C GLN B 238 -10.44 -13.34 20.47
N ILE B 239 -10.92 -12.21 20.98
CA ILE B 239 -10.82 -11.87 22.41
C ILE B 239 -11.74 -12.72 23.28
N SER B 240 -12.89 -13.10 22.74
CA SER B 240 -13.87 -13.94 23.43
C SER B 240 -13.42 -15.41 23.52
N ARG B 241 -12.73 -15.88 22.48
CA ARG B 241 -12.22 -17.24 22.40
C ARG B 241 -10.93 -17.39 23.21
N GLY B 244 -12.16 -15.61 28.68
CA GLY B 244 -13.60 -15.35 28.77
C GLY B 244 -14.43 -16.53 28.34
N GLY B 245 -15.49 -16.82 29.11
CA GLY B 245 -16.39 -17.95 28.84
C GLY B 245 -17.63 -17.55 28.06
N VAL B 246 -17.43 -16.87 26.94
CA VAL B 246 -18.52 -16.44 26.04
C VAL B 246 -18.30 -17.07 24.66
N SER B 247 -19.34 -17.71 24.14
CA SER B 247 -19.29 -18.37 22.82
C SER B 247 -20.21 -17.70 21.81
N ILE B 248 -19.69 -17.49 20.59
CA ILE B 248 -20.42 -16.84 19.50
C ILE B 248 -21.21 -17.89 18.71
N ALA B 249 -22.51 -17.67 18.60
CA ALA B 249 -23.42 -18.56 17.89
C ALA B 249 -23.29 -18.44 16.37
N GLN B 250 -23.59 -17.24 15.84
CA GLN B 250 -23.56 -16.98 14.40
C GLN B 250 -23.00 -15.59 14.07
N SER B 251 -22.46 -15.46 12.86
CA SER B 251 -21.95 -14.18 12.35
C SER B 251 -22.62 -13.82 11.02
N GLN B 252 -23.22 -12.64 10.99
CA GLN B 252 -23.88 -12.12 9.80
C GLN B 252 -23.26 -10.80 9.35
N LYS B 253 -22.99 -10.69 8.05
CA LYS B 253 -22.38 -9.50 7.47
C LYS B 253 -23.34 -8.79 6.52
N ILE B 254 -23.62 -7.52 6.81
CA ILE B 254 -24.46 -6.67 5.96
C ILE B 254 -23.59 -6.16 4.80
N PRO B 255 -24.00 -6.45 3.53
CA PRO B 255 -23.25 -5.97 2.36
C PRO B 255 -23.34 -4.46 2.15
N ARG B 256 -22.36 -3.91 1.43
CA ARG B 256 -22.32 -2.48 1.08
C ARG B 256 -23.50 -2.09 0.19
N GLU B 257 -23.73 -2.89 -0.87
CA GLU B 257 -24.91 -2.77 -1.72
C GLU B 257 -25.87 -3.93 -1.40
N PRO B 258 -27.03 -3.62 -0.78
CA PRO B 258 -27.96 -4.69 -0.36
C PRO B 258 -29.04 -5.03 -1.39
N ARG B 259 -29.48 -6.29 -1.35
CA ARG B 259 -30.63 -6.77 -2.14
C ARG B 259 -31.94 -6.23 -1.55
N PRO B 260 -32.98 -5.97 -2.40
CA PRO B 260 -34.27 -5.38 -2.02
C PRO B 260 -34.79 -5.68 -0.59
N GLY B 261 -34.82 -6.96 -0.20
CA GLY B 261 -35.29 -7.36 1.13
C GLY B 261 -34.23 -8.08 1.94
N GLU B 262 -33.06 -7.44 2.07
CA GLU B 262 -31.90 -8.03 2.76
C GLU B 262 -32.07 -8.05 4.29
N PHE B 263 -32.55 -6.94 4.85
CA PHE B 263 -32.60 -6.75 6.31
C PHE B 263 -33.64 -7.61 7.01
N GLU B 264 -34.73 -7.92 6.31
CA GLU B 264 -35.76 -8.84 6.80
C GLU B 264 -35.24 -10.28 6.86
N LYS B 265 -34.33 -10.62 5.95
CA LYS B 265 -33.69 -11.93 5.90
C LYS B 265 -32.69 -12.15 7.04
N ILE B 266 -31.99 -11.08 7.44
CA ILE B 266 -30.96 -11.13 8.50
C ILE B 266 -31.59 -11.34 9.89
N ILE B 267 -32.70 -10.64 10.15
CA ILE B 267 -33.49 -10.81 11.39
C ILE B 267 -34.06 -12.23 11.48
N LYS B 268 -34.55 -12.73 10.34
CA LYS B 268 -35.02 -14.12 10.19
C LYS B 268 -33.89 -15.14 10.41
N ARG B 269 -32.68 -14.80 9.94
CA ARG B 269 -31.48 -15.62 10.14
C ARG B 269 -31.02 -15.59 11.61
N LEU B 270 -31.21 -14.45 12.26
CA LEU B 270 -30.91 -14.28 13.68
C LEU B 270 -31.93 -15.00 14.58
N LEU B 271 -33.18 -15.07 14.10
CA LEU B 271 -34.27 -15.75 14.80
C LEU B 271 -34.14 -17.28 14.75
N GLU B 272 -33.31 -17.78 13.85
CA GLU B 272 -33.01 -19.23 13.71
C GLU B 272 -32.31 -19.81 14.94
N THR B 273 -31.57 -18.96 15.65
CA THR B 273 -31.02 -19.28 16.97
C THR B 273 -31.67 -18.36 18.03
N PRO B 274 -32.84 -18.77 18.57
CA PRO B 274 -33.57 -17.92 19.54
C PRO B 274 -32.93 -17.86 20.93
N ASN B 275 -31.97 -18.76 21.19
CA ASN B 275 -31.20 -18.77 22.43
C ASN B 275 -30.26 -17.57 22.57
N ALA B 276 -29.81 -17.03 21.43
CA ALA B 276 -29.01 -15.81 21.38
C ALA B 276 -29.89 -14.60 21.11
N ARG B 277 -29.99 -13.71 22.10
CA ARG B 277 -30.72 -12.45 21.96
C ARG B 277 -29.77 -11.27 21.82
N ALA B 278 -28.60 -11.38 22.46
CA ALA B 278 -27.58 -10.34 22.43
C ALA B 278 -26.89 -10.24 21.07
N VAL B 279 -27.00 -9.07 20.45
CA VAL B 279 -26.42 -8.80 19.13
C VAL B 279 -25.28 -7.79 19.25
N ILE B 280 -24.10 -8.18 18.76
CA ILE B 280 -22.90 -7.34 18.74
C ILE B 280 -22.84 -6.64 17.39
N MET B 281 -22.85 -5.31 17.41
CA MET B 281 -22.96 -4.51 16.19
C MET B 281 -21.75 -3.61 15.90
N PHE B 282 -21.16 -3.86 14.74
CA PHE B 282 -20.18 -2.95 14.13
C PHE B 282 -20.73 -2.49 12.78
N ALA B 283 -21.84 -1.75 12.84
CA ALA B 283 -22.55 -1.28 11.65
C ALA B 283 -22.79 0.22 11.68
N ASN B 284 -22.81 0.84 10.49
CA ASN B 284 -23.03 2.28 10.35
C ASN B 284 -24.50 2.70 10.53
N GLU B 285 -24.73 4.01 10.61
CA GLU B 285 -26.04 4.64 10.85
C GLU B 285 -27.22 4.06 10.06
N ASP B 286 -27.03 3.92 8.74
CA ASP B 286 -28.05 3.40 7.83
C ASP B 286 -28.38 1.93 8.12
N ASP B 287 -27.35 1.15 8.44
CA ASP B 287 -27.47 -0.28 8.70
C ASP B 287 -28.17 -0.60 10.04
N ILE B 288 -27.92 0.22 11.07
CA ILE B 288 -28.58 0.09 12.38
C ILE B 288 -30.06 0.41 12.24
N ARG B 289 -30.38 1.48 11.52
CA ARG B 289 -31.73 1.97 11.30
C ARG B 289 -32.61 0.93 10.57
N ARG B 290 -32.01 0.24 9.60
CA ARG B 290 -32.72 -0.74 8.77
C ARG B 290 -32.86 -2.12 9.41
N ILE B 291 -31.91 -2.48 10.28
CA ILE B 291 -31.99 -3.72 11.07
C ILE B 291 -33.10 -3.62 12.12
N LEU B 292 -33.17 -2.47 12.79
CA LEU B 292 -34.20 -2.18 13.79
C LEU B 292 -35.60 -2.01 13.18
N GLU B 293 -35.64 -1.56 11.93
CA GLU B 293 -36.88 -1.41 11.15
C GLU B 293 -37.48 -2.77 10.77
N ALA B 294 -36.60 -3.70 10.35
CA ALA B 294 -37.00 -5.04 9.94
C ALA B 294 -37.51 -5.88 11.12
N ALA B 295 -36.91 -5.67 12.29
CA ALA B 295 -37.33 -6.32 13.53
C ALA B 295 -38.67 -5.77 14.04
N LYS B 296 -38.92 -4.49 13.75
CA LYS B 296 -40.18 -3.82 14.08
C LYS B 296 -41.36 -4.39 13.26
N LYS B 297 -41.10 -4.66 11.98
CA LYS B 297 -42.09 -5.24 11.06
C LYS B 297 -42.46 -6.68 11.40
N LEU B 298 -41.49 -7.43 11.94
CA LEU B 298 -41.67 -8.85 12.29
C LEU B 298 -42.09 -9.08 13.76
N ASN B 299 -42.44 -7.99 14.45
CA ASN B 299 -42.83 -7.97 15.88
C ASN B 299 -41.80 -8.63 16.81
N GLN B 300 -40.63 -8.00 16.91
CA GLN B 300 -39.54 -8.49 17.74
C GLN B 300 -39.18 -7.50 18.86
N SER B 301 -40.22 -6.89 19.45
CA SER B 301 -40.06 -5.95 20.56
C SER B 301 -39.71 -6.71 21.85
N GLY B 302 -38.52 -6.42 22.38
CA GLY B 302 -37.97 -7.13 23.54
C GLY B 302 -37.54 -8.55 23.22
N HIS B 303 -37.08 -8.76 21.99
CA HIS B 303 -36.62 -10.07 21.50
C HIS B 303 -35.12 -10.08 21.17
N PHE B 304 -34.51 -8.89 21.16
CA PHE B 304 -33.08 -8.72 20.92
C PHE B 304 -32.45 -7.75 21.91
N LEU B 305 -31.26 -8.10 22.39
CA LEU B 305 -30.47 -7.23 23.28
C LEU B 305 -29.36 -6.56 22.47
N TRP B 306 -29.46 -5.24 22.30
CA TRP B 306 -28.58 -4.50 21.39
C TRP B 306 -27.29 -4.02 22.06
N ILE B 307 -26.16 -4.38 21.45
CA ILE B 307 -24.85 -3.84 21.81
C ILE B 307 -24.21 -3.29 20.54
N GLY B 308 -23.98 -1.96 20.54
CA GLY B 308 -23.44 -1.26 19.37
C GLY B 308 -22.15 -0.51 19.61
N SER B 309 -21.40 -0.28 18.53
CA SER B 309 -20.10 0.39 18.58
C SER B 309 -20.23 1.92 18.54
N ASP B 310 -19.11 2.61 18.27
CA ASP B 310 -19.06 4.08 18.21
C ASP B 310 -19.84 4.69 17.04
N SER B 311 -20.16 3.86 16.03
CA SER B 311 -21.03 4.24 14.93
C SER B 311 -22.48 4.44 15.38
N TRP B 312 -22.88 3.72 16.42
CA TRP B 312 -24.17 3.94 17.08
C TRP B 312 -24.03 5.14 18.02
N GLY B 313 -23.13 5.03 19.01
CA GLY B 313 -22.86 6.09 19.99
C GLY B 313 -24.08 6.56 20.74
N SER B 314 -24.35 7.86 20.66
CA SER B 314 -25.57 8.44 21.21
C SER B 314 -26.40 9.15 20.12
N LYS B 315 -26.35 8.57 18.92
CA LYS B 315 -27.01 9.15 17.73
C LYS B 315 -28.51 8.89 17.74
N ILE B 316 -29.27 9.96 17.54
CA ILE B 316 -30.74 9.93 17.54
C ILE B 316 -31.31 9.38 16.21
N ALA B 317 -30.52 9.50 15.13
CA ALA B 317 -30.95 9.13 13.77
C ALA B 317 -31.30 7.64 13.54
N PRO B 318 -30.51 6.67 14.07
CA PRO B 318 -30.93 5.27 13.90
C PRO B 318 -32.12 4.84 14.77
N VAL B 319 -32.38 5.57 15.86
CA VAL B 319 -33.40 5.21 16.85
C VAL B 319 -34.69 6.05 16.76
N TYR B 320 -34.71 7.06 15.89
CA TYR B 320 -35.88 7.93 15.69
C TYR B 320 -37.02 7.19 14.99
N GLN B 321 -38.25 7.45 15.45
CA GLN B 321 -39.48 6.73 15.05
C GLN B 321 -39.51 5.24 15.45
N GLN B 322 -38.38 4.75 15.97
CA GLN B 322 -38.22 3.36 16.41
C GLN B 322 -37.66 3.34 17.84
N GLU B 323 -38.25 4.16 18.70
CA GLU B 323 -37.79 4.36 20.07
C GLU B 323 -38.05 3.16 20.97
N GLU B 324 -39.19 2.49 20.76
CA GLU B 324 -39.63 1.36 21.58
C GLU B 324 -38.77 0.11 21.42
N ILE B 325 -38.35 -0.17 20.18
CA ILE B 325 -37.57 -1.37 19.85
C ILE B 325 -36.11 -1.29 20.31
N ALA B 326 -35.55 -0.08 20.31
CA ALA B 326 -34.14 0.16 20.67
C ALA B 326 -33.91 0.36 22.17
N GLU B 327 -34.85 -0.12 22.99
CA GLU B 327 -34.78 0.00 24.45
C GLU B 327 -33.71 -0.93 25.02
N GLY B 328 -32.90 -0.38 25.92
CA GLY B 328 -31.82 -1.11 26.57
C GLY B 328 -30.61 -1.37 25.70
N ALA B 329 -30.43 -0.54 24.66
CA ALA B 329 -29.30 -0.67 23.74
C ALA B 329 -28.01 -0.13 24.37
N VAL B 330 -27.12 -1.06 24.73
CA VAL B 330 -25.84 -0.72 25.36
C VAL B 330 -24.81 -0.33 24.28
N THR B 331 -24.44 0.94 24.28
CA THR B 331 -23.52 1.49 23.26
C THR B 331 -22.26 2.08 23.87
N ILE B 332 -21.13 1.89 23.18
CA ILE B 332 -19.83 2.39 23.62
C ILE B 332 -19.34 3.50 22.68
N LEU B 333 -18.87 4.59 23.27
CA LEU B 333 -18.33 5.74 22.54
C LEU B 333 -17.05 6.23 23.23
N PRO B 334 -15.98 6.53 22.45
CA PRO B 334 -14.72 7.05 23.03
C PRO B 334 -14.93 8.34 23.82
N LYS B 335 -14.15 8.50 24.89
CA LYS B 335 -14.28 9.62 25.83
C LYS B 335 -14.00 10.96 25.17
N ARG B 336 -15.04 11.78 25.08
CA ARG B 336 -14.97 13.10 24.44
C ARG B 336 -15.70 14.18 25.26
N ALA B 337 -15.44 15.44 24.93
CA ALA B 337 -16.11 16.58 25.53
C ALA B 337 -16.40 17.67 24.50
N SER B 338 -17.50 18.39 24.69
CA SER B 338 -17.87 19.53 23.84
C SER B 338 -16.94 20.72 24.09
N ILE B 339 -16.45 21.32 23.00
CA ILE B 339 -15.47 22.40 23.07
C ILE B 339 -16.15 23.76 22.93
N ASP B 340 -16.05 24.57 23.99
CA ASP B 340 -16.68 25.90 24.05
C ASP B 340 -16.05 26.89 23.08
N GLY B 341 -14.73 26.79 22.89
CA GLY B 341 -13.97 27.65 21.99
C GLY B 341 -14.37 27.57 20.53
N PHE B 342 -14.63 26.34 20.06
CA PHE B 342 -15.13 26.10 18.70
C PHE B 342 -16.57 26.58 18.52
N ASP B 343 -17.41 26.33 19.54
CA ASP B 343 -18.82 26.75 19.54
C ASP B 343 -19.00 28.26 19.35
N ARG B 344 -18.13 29.04 20.01
CA ARG B 344 -18.13 30.50 19.89
C ARG B 344 -17.71 30.97 18.51
N TYR B 345 -16.72 30.27 17.93
CA TYR B 345 -16.21 30.56 16.59
C TYR B 345 -17.20 30.21 15.48
N PHE B 346 -17.77 29.00 15.56
CA PHE B 346 -18.65 28.48 14.51
C PHE B 346 -20.00 29.19 14.44
N ARG B 347 -20.56 29.56 15.60
CA ARG B 347 -21.80 30.33 15.68
C ARG B 347 -21.70 31.71 15.03
N SER B 348 -20.51 32.31 15.10
CA SER B 348 -20.24 33.64 14.55
C SER B 348 -19.71 33.62 13.10
N ARG B 349 -20.15 32.62 12.33
CA ARG B 349 -19.77 32.50 10.92
C ARG B 349 -20.93 32.87 10.00
N THR B 350 -20.66 33.81 9.09
CA THR B 350 -21.61 34.21 8.06
C THR B 350 -21.06 33.91 6.67
N LEU B 351 -21.90 34.09 5.65
CA LEU B 351 -21.52 33.91 4.25
C LEU B 351 -20.44 34.91 3.80
N ALA B 352 -20.40 36.07 4.46
CA ALA B 352 -19.44 37.13 4.15
C ALA B 352 -18.06 36.87 4.75
N ASN B 353 -17.99 36.57 6.05
CA ASN B 353 -16.70 36.36 6.73
C ASN B 353 -16.04 35.00 6.46
N ASN B 354 -16.83 34.02 6.03
CA ASN B 354 -16.32 32.67 5.75
C ASN B 354 -16.30 32.34 4.24
N ARG B 355 -15.63 33.20 3.48
CA ARG B 355 -15.33 32.95 2.07
C ARG B 355 -14.21 31.91 1.92
N ARG B 356 -13.48 31.69 3.02
CA ARG B 356 -12.42 30.70 3.14
C ARG B 356 -12.93 29.26 2.90
N ASN B 357 -14.06 28.94 3.52
CA ASN B 357 -14.73 27.65 3.33
C ASN B 357 -15.55 27.70 2.04
N VAL B 358 -15.10 26.93 1.04
CA VAL B 358 -15.68 26.92 -0.30
C VAL B 358 -17.02 26.16 -0.35
N TRP B 359 -17.26 25.31 0.64
CA TRP B 359 -18.53 24.55 0.74
C TRP B 359 -19.55 25.18 1.68
N PHE B 360 -19.18 26.32 2.27
CA PHE B 360 -20.02 27.02 3.26
C PHE B 360 -21.34 27.55 2.70
N ALA B 361 -21.33 27.93 1.42
CA ALA B 361 -22.54 28.34 0.71
C ALA B 361 -23.53 27.19 0.55
N GLU B 362 -22.99 26.00 0.28
CA GLU B 362 -23.77 24.76 0.22
C GLU B 362 -24.28 24.35 1.61
N PHE B 363 -23.46 24.62 2.63
CA PHE B 363 -23.83 24.40 4.03
C PHE B 363 -25.00 25.27 4.46
N TRP B 364 -24.99 26.54 4.03
CA TRP B 364 -26.01 27.52 4.39
C TRP B 364 -27.40 27.11 3.90
N GLU B 365 -27.48 26.64 2.67
CA GLU B 365 -28.71 26.15 2.06
C GLU B 365 -29.28 24.91 2.75
N GLU B 366 -28.40 24.08 3.32
CA GLU B 366 -28.78 22.80 3.91
C GLU B 366 -29.06 22.89 5.42
N ASN B 367 -28.31 23.76 6.11
CA ASN B 367 -28.49 24.01 7.54
C ASN B 367 -29.80 24.76 7.84
N PHE B 368 -30.10 25.76 7.02
CA PHE B 368 -31.27 26.61 7.22
C PHE B 368 -32.47 26.23 6.34
N GLY B 369 -32.28 25.23 5.48
CA GLY B 369 -33.34 24.65 4.65
C GLY B 369 -34.00 25.65 3.72
N CYS B 370 -33.17 26.37 2.97
CA CYS B 370 -33.62 27.41 2.04
C CYS B 370 -32.73 27.47 0.79
N LYS B 371 -33.17 28.22 -0.22
CA LYS B 371 -32.40 28.46 -1.44
C LYS B 371 -31.84 29.87 -1.47
N LEU B 372 -30.53 29.99 -1.69
CA LEU B 372 -29.85 31.28 -1.84
C LEU B 372 -30.16 31.92 -3.19
N GLY B 373 -29.92 33.23 -3.28
CA GLY B 373 -30.26 34.07 -4.44
C GLY B 373 -30.02 33.49 -5.83
N SER B 374 -28.79 33.02 -6.08
CA SER B 374 -28.42 32.43 -7.36
C SER B 374 -27.38 31.32 -7.18
N HIS B 375 -27.81 30.23 -6.55
CA HIS B 375 -26.95 29.10 -6.21
C HIS B 375 -27.46 27.79 -6.80
N GLY B 376 -26.57 27.07 -7.49
CA GLY B 376 -26.88 25.74 -8.05
C GLY B 376 -27.48 25.77 -9.45
N LYS B 377 -27.19 24.70 -10.21
CA LYS B 377 -27.64 24.54 -11.60
C LYS B 377 -29.14 24.23 -11.68
N ARG B 378 -29.55 23.14 -11.02
CA ARG B 378 -30.95 22.73 -10.92
C ARG B 378 -31.17 22.02 -9.59
N ASN B 379 -31.64 22.79 -8.61
CA ASN B 379 -31.74 22.33 -7.22
C ASN B 379 -33.17 22.25 -6.68
N SER B 380 -33.32 21.60 -5.53
CA SER B 380 -34.58 21.56 -4.79
C SER B 380 -34.77 22.88 -4.01
N HIS B 381 -35.28 22.77 -2.78
CA HIS B 381 -35.57 23.89 -1.86
C HIS B 381 -36.65 24.86 -2.35
N ILE B 382 -37.65 25.08 -1.50
CA ILE B 382 -38.80 25.93 -1.82
C ILE B 382 -38.67 27.30 -1.13
N LYS B 383 -38.29 27.29 0.14
CA LYS B 383 -38.04 28.51 0.91
C LYS B 383 -36.80 29.24 0.41
N LYS B 384 -36.74 30.56 0.64
CA LYS B 384 -35.62 31.39 0.21
C LYS B 384 -34.86 31.99 1.39
N CYS B 385 -33.53 31.95 1.33
CA CYS B 385 -32.67 32.48 2.40
C CYS B 385 -32.61 33.99 2.37
N THR B 386 -32.55 34.60 3.55
CA THR B 386 -32.31 36.04 3.69
C THR B 386 -30.84 36.37 3.46
N GLY B 387 -29.97 35.40 3.77
CA GLY B 387 -28.53 35.57 3.72
C GLY B 387 -27.93 36.10 5.01
N LEU B 388 -28.81 36.39 5.97
CA LEU B 388 -28.44 36.98 7.27
C LEU B 388 -28.85 36.12 8.46
N GLU B 389 -29.03 34.82 8.21
CA GLU B 389 -29.40 33.84 9.25
C GLU B 389 -28.28 33.64 10.28
N ARG B 390 -28.64 33.11 11.45
CA ARG B 390 -27.69 32.89 12.53
C ARG B 390 -27.72 31.43 13.01
N ILE B 391 -26.52 30.85 13.13
CA ILE B 391 -26.34 29.46 13.54
C ILE B 391 -26.63 29.33 15.05
N ALA B 392 -27.37 28.27 15.40
CA ALA B 392 -27.88 27.96 16.75
C ALA B 392 -29.01 28.89 17.26
N ARG B 393 -29.58 29.66 16.33
CA ARG B 393 -30.71 30.57 16.64
C ARG B 393 -31.83 30.48 15.61
N ASP B 394 -31.46 30.38 14.33
CA ASP B 394 -32.42 30.16 13.25
C ASP B 394 -32.67 28.67 12.98
N SER B 395 -31.64 27.86 13.26
CA SER B 395 -31.71 26.40 13.18
C SER B 395 -30.99 25.79 14.38
N SER B 396 -31.50 24.66 14.86
CA SER B 396 -30.94 23.94 16.01
C SER B 396 -29.56 23.38 15.72
N TYR B 397 -28.63 23.60 16.65
CA TYR B 397 -27.22 23.24 16.47
C TYR B 397 -26.62 22.55 17.69
N GLU B 398 -25.81 21.52 17.43
CA GLU B 398 -24.94 20.90 18.40
C GLU B 398 -23.69 20.41 17.65
N GLN B 399 -22.52 20.69 18.20
CA GLN B 399 -21.24 20.29 17.58
C GLN B 399 -21.08 18.77 17.55
N GLU B 400 -20.40 18.29 16.51
CA GLU B 400 -20.20 16.85 16.27
C GLU B 400 -19.30 16.22 17.34
N GLY B 401 -19.57 14.97 17.66
CA GLY B 401 -18.88 14.24 18.74
C GLY B 401 -17.43 13.87 18.52
N LYS B 402 -16.84 14.34 17.41
CA LYS B 402 -15.42 14.09 17.10
C LYS B 402 -14.62 15.39 16.90
N VAL B 403 -15.28 16.53 17.11
CA VAL B 403 -14.67 17.87 16.96
C VAL B 403 -13.42 18.03 17.84
N GLN B 404 -13.49 17.53 19.07
CA GLN B 404 -12.35 17.51 19.99
C GLN B 404 -11.12 16.81 19.38
N PHE B 405 -11.36 15.66 18.75
CA PHE B 405 -10.30 14.86 18.13
C PHE B 405 -9.63 15.56 16.95
N VAL B 406 -10.42 16.29 16.16
CA VAL B 406 -9.91 17.05 15.02
C VAL B 406 -8.94 18.14 15.49
N ILE B 407 -9.35 18.90 16.52
CA ILE B 407 -8.52 19.94 17.13
C ILE B 407 -7.23 19.34 17.71
N ASP B 408 -7.36 18.22 18.42
CA ASP B 408 -6.23 17.50 19.00
C ASP B 408 -5.25 16.95 17.97
N ALA B 409 -5.78 16.51 16.82
CA ALA B 409 -4.96 16.01 15.70
C ALA B 409 -4.09 17.12 15.09
N VAL B 410 -4.65 18.32 14.99
CA VAL B 410 -3.94 19.49 14.46
C VAL B 410 -2.87 19.98 15.44
N TYR B 411 -3.23 20.04 16.72
CA TYR B 411 -2.30 20.43 17.79
C TYR B 411 -1.14 19.46 17.99
N SER B 412 -1.41 18.16 17.81
CA SER B 412 -0.37 17.11 17.83
C SER B 412 0.68 17.34 16.75
N MET B 413 0.21 17.68 15.54
CA MET B 413 1.06 18.04 14.41
C MET B 413 1.84 19.33 14.69
N ALA B 414 1.17 20.29 15.34
CA ALA B 414 1.75 21.60 15.67
C ALA B 414 2.81 21.55 16.77
N TYR B 415 2.55 20.75 17.81
CA TYR B 415 3.50 20.55 18.91
C TYR B 415 4.77 19.81 18.46
N ALA B 416 4.61 18.86 17.55
CA ALA B 416 5.71 18.09 16.98
C ALA B 416 6.65 18.95 16.13
N LEU B 417 6.08 19.89 15.38
CA LEU B 417 6.84 20.87 14.61
C LEU B 417 7.55 21.88 15.50
N HIS B 418 6.92 22.19 16.64
CA HIS B 418 7.47 23.11 17.64
C HIS B 418 8.70 22.52 18.34
N ASN B 419 8.60 21.26 18.78
CA ASN B 419 9.70 20.54 19.43
C ASN B 419 10.87 20.26 18.50
N MET B 420 10.57 20.07 17.21
CA MET B 420 11.57 19.90 16.16
C MET B 420 12.34 21.20 15.93
N HIS B 421 11.62 22.32 15.95
CA HIS B 421 12.21 23.66 15.81
C HIS B 421 13.03 24.05 17.03
N LYS B 422 12.59 23.60 18.21
CA LYS B 422 13.30 23.83 19.48
C LYS B 422 14.65 23.10 19.54
N ASP B 423 14.77 22.00 18.78
CA ASP B 423 15.99 21.20 18.72
C ASP B 423 16.87 21.54 17.51
N LEU B 424 16.28 21.53 16.32
CA LEU B 424 17.02 21.73 15.06
C LEU B 424 17.38 23.19 14.75
N CYS B 425 16.59 24.13 15.27
CA CYS B 425 16.88 25.56 15.09
C CYS B 425 17.06 26.30 16.43
N PRO B 426 18.23 26.13 17.09
CA PRO B 426 18.45 26.84 18.35
C PRO B 426 18.90 28.29 18.10
N GLY B 427 18.28 29.23 18.83
CA GLY B 427 18.54 30.66 18.67
C GLY B 427 18.02 31.24 17.37
N TYR B 428 17.00 30.59 16.81
CA TYR B 428 16.35 31.03 15.57
C TYR B 428 14.88 31.38 15.82
N ILE B 429 14.46 32.49 15.22
CA ILE B 429 13.05 32.87 15.17
C ILE B 429 12.54 32.76 13.73
N GLY B 430 11.52 31.93 13.53
CA GLY B 430 11.10 31.50 12.19
C GLY B 430 11.87 30.27 11.75
N LEU B 431 11.62 29.81 10.52
CA LEU B 431 12.25 28.61 9.98
C LEU B 431 13.74 28.81 9.65
N CYS B 432 14.55 27.82 10.03
CA CYS B 432 15.99 27.82 9.76
C CYS B 432 16.33 26.87 8.59
N PRO B 433 17.49 27.07 7.91
CA PRO B 433 17.88 26.22 6.77
C PRO B 433 17.95 24.71 7.05
N ARG B 434 18.14 24.32 8.31
CA ARG B 434 18.12 22.92 8.73
C ARG B 434 16.71 22.32 8.68
N MET B 435 15.70 23.18 8.90
CA MET B 435 14.29 22.77 8.84
C MET B 435 13.66 22.90 7.44
N SER B 436 14.46 23.30 6.45
CA SER B 436 14.04 23.27 5.05
C SER B 436 13.95 21.81 4.58
N THR B 437 12.83 21.48 3.95
CA THR B 437 12.42 20.09 3.62
C THR B 437 12.42 19.18 4.86
N ILE B 438 11.29 19.17 5.57
CA ILE B 438 11.11 18.43 6.82
C ILE B 438 11.09 16.92 6.56
N ASP B 439 11.98 16.20 7.25
CA ASP B 439 12.11 14.74 7.13
C ASP B 439 10.88 14.03 7.68
N GLY B 440 10.42 13.02 6.94
CA GLY B 440 9.22 12.26 7.27
C GLY B 440 9.32 11.45 8.55
N LYS B 441 10.33 10.58 8.61
CA LYS B 441 10.57 9.71 9.77
C LYS B 441 10.93 10.48 11.03
N GLU B 442 11.63 11.60 10.87
CA GLU B 442 12.00 12.49 11.98
C GLU B 442 10.77 13.14 12.62
N LEU B 443 9.91 13.72 11.79
CA LEU B 443 8.66 14.36 12.24
C LEU B 443 7.68 13.37 12.86
N LEU B 444 7.63 12.16 12.31
CA LEU B 444 6.81 11.06 12.83
C LEU B 444 7.21 10.68 14.26
N GLY B 445 8.52 10.62 14.50
CA GLY B 445 9.08 10.36 15.83
C GLY B 445 8.75 11.43 16.86
N TYR B 446 8.68 12.68 16.39
CA TYR B 446 8.25 13.81 17.23
C TYR B 446 6.76 13.76 17.58
N ILE B 447 5.94 13.22 16.66
CA ILE B 447 4.49 13.05 16.87
C ILE B 447 4.19 12.03 17.98
N ARG B 448 4.89 10.89 17.95
CA ARG B 448 4.76 9.83 18.95
C ARG B 448 5.22 10.28 20.34
N ALA B 449 6.24 11.15 20.36
CA ALA B 449 6.83 11.68 21.60
C ALA B 449 6.08 12.90 22.18
N VAL B 450 5.08 13.38 21.45
CA VAL B 450 4.26 14.53 21.86
C VAL B 450 3.36 14.18 23.05
N ASN B 451 3.34 15.09 24.03
CA ASN B 451 2.51 14.98 25.22
C ASN B 451 2.05 16.37 25.68
N PHE B 452 0.73 16.60 25.63
CA PHE B 452 0.15 17.90 25.98
C PHE B 452 -1.31 17.81 26.45
N ASN B 453 -1.70 18.74 27.31
CA ASN B 453 -3.09 18.97 27.66
C ASN B 453 -3.68 20.04 26.73
N GLY B 454 -4.74 19.69 26.02
CA GLY B 454 -5.38 20.60 25.07
C GLY B 454 -6.83 20.28 24.77
N SER B 455 -7.49 21.25 24.11
CA SER B 455 -8.90 21.18 23.66
C SER B 455 -9.93 20.98 24.78
N ALA B 456 -9.96 19.79 25.37
CA ALA B 456 -10.92 19.44 26.43
C ALA B 456 -10.28 19.36 27.83
N GLY B 457 -8.96 19.48 27.88
CA GLY B 457 -8.20 19.36 29.14
C GLY B 457 -7.56 18.01 29.35
N THR B 458 -8.11 16.99 28.67
CA THR B 458 -7.59 15.63 28.70
C THR B 458 -6.24 15.51 27.97
N PRO B 459 -5.30 14.69 28.50
CA PRO B 459 -3.99 14.53 27.85
C PRO B 459 -4.04 13.81 26.50
N VAL B 460 -3.16 14.23 25.59
CA VAL B 460 -3.03 13.61 24.26
C VAL B 460 -1.70 12.85 24.22
N THR B 461 -1.80 11.52 24.13
CA THR B 461 -0.65 10.62 24.20
C THR B 461 -0.72 9.54 23.13
N PHE B 462 0.40 9.31 22.45
CA PHE B 462 0.56 8.24 21.48
C PHE B 462 1.53 7.19 22.02
N ASN B 463 1.24 5.91 21.75
CA ASN B 463 2.13 4.81 22.14
C ASN B 463 3.20 4.51 21.07
N GLU B 464 3.69 3.27 21.05
CA GLU B 464 4.65 2.81 20.03
C GLU B 464 4.02 2.73 18.63
N ASN B 465 2.75 2.32 18.60
CA ASN B 465 2.00 2.14 17.34
C ASN B 465 1.29 3.42 16.85
N GLY B 466 1.41 4.49 17.61
CA GLY B 466 0.76 5.77 17.31
C GLY B 466 -0.72 5.80 17.64
N ASP B 467 -1.10 5.06 18.68
CA ASP B 467 -2.50 4.91 19.10
C ASP B 467 -2.76 5.56 20.46
N ALA B 468 -3.97 6.07 20.62
CA ALA B 468 -4.43 6.67 21.89
C ALA B 468 -4.76 5.59 22.93
N PRO B 469 -4.69 5.94 24.25
CA PRO B 469 -5.17 5.04 25.30
C PRO B 469 -6.68 4.81 25.25
N GLY B 470 -7.16 3.81 26.01
CA GLY B 470 -8.56 3.36 26.02
C GLY B 470 -9.63 4.44 26.10
N ARG B 471 -9.99 4.83 27.33
CA ARG B 471 -10.95 5.92 27.62
C ARG B 471 -12.27 5.88 26.82
N TYR B 472 -13.25 5.18 27.37
CA TYR B 472 -14.55 5.00 26.72
C TYR B 472 -15.72 5.42 27.63
N ASP B 473 -16.84 5.75 27.00
CA ASP B 473 -18.11 6.02 27.69
C ASP B 473 -19.17 5.02 27.27
N ILE B 474 -19.89 4.48 28.24
CA ILE B 474 -20.93 3.48 28.00
C ILE B 474 -22.31 4.09 28.22
N PHE B 475 -23.14 4.02 27.18
CA PHE B 475 -24.50 4.57 27.20
C PHE B 475 -25.56 3.47 27.12
N GLN B 476 -26.78 3.78 27.55
CA GLN B 476 -27.94 2.91 27.36
C GLN B 476 -29.18 3.71 27.02
N TYR B 477 -29.89 3.27 25.97
CA TYR B 477 -31.11 3.91 25.52
C TYR B 477 -32.29 3.49 26.40
N GLN B 478 -32.86 4.46 27.11
CA GLN B 478 -33.90 4.23 28.11
C GLN B 478 -35.15 5.08 27.87
N ILE B 479 -36.30 4.56 28.29
CA ILE B 479 -37.56 5.32 28.27
C ILE B 479 -37.99 5.72 29.69
N THR B 480 -38.52 6.94 29.82
CA THR B 480 -38.94 7.50 31.11
C THR B 480 -40.30 8.16 30.97
N LYS B 482 -42.88 11.37 29.73
CA LYS B 482 -42.04 10.51 28.89
C LYS B 482 -40.74 11.21 28.49
N SER B 483 -39.64 10.46 28.53
CA SER B 483 -38.31 10.95 28.18
C SER B 483 -37.43 9.84 27.61
N THR B 484 -36.96 10.04 26.37
CA THR B 484 -36.01 9.14 25.72
C THR B 484 -34.63 9.77 25.71
N GLU B 485 -33.65 9.05 26.28
CA GLU B 485 -32.29 9.57 26.46
C GLU B 485 -31.22 8.48 26.44
N TYR B 486 -30.02 8.84 26.00
CA TYR B 486 -28.84 7.98 26.09
C TYR B 486 -28.17 8.19 27.45
N LYS B 487 -28.66 7.48 28.45
CA LYS B 487 -28.17 7.60 29.82
C LYS B 487 -26.81 6.90 30.00
N VAL B 488 -25.88 7.62 30.63
CA VAL B 488 -24.53 7.11 30.89
C VAL B 488 -24.60 6.05 31.99
N ILE B 489 -24.06 4.87 31.69
CA ILE B 489 -24.11 3.72 32.61
C ILE B 489 -22.74 3.21 33.06
N GLY B 490 -21.67 3.82 32.57
CA GLY B 490 -20.30 3.47 32.98
C GLY B 490 -19.19 4.00 32.09
N HIS B 491 -17.98 3.52 32.34
CA HIS B 491 -16.78 3.88 31.58
C HIS B 491 -15.73 2.74 31.54
N TRP B 492 -14.83 2.80 30.55
CA TRP B 492 -13.76 1.81 30.39
C TRP B 492 -12.39 2.46 30.22
N THR B 493 -11.52 2.28 31.22
CA THR B 493 -10.12 2.73 31.18
C THR B 493 -9.22 1.58 31.66
N ASN B 494 -8.73 0.78 30.71
CA ASN B 494 -8.01 -0.49 30.95
C ASN B 494 -8.84 -1.58 31.64
N GLN B 495 -9.53 -1.20 32.72
CA GLN B 495 -10.50 -2.06 33.42
C GLN B 495 -11.90 -1.46 33.33
N LEU B 496 -12.91 -2.32 33.38
CA LEU B 496 -14.31 -1.91 33.28
C LEU B 496 -14.87 -1.39 34.61
N HIS B 497 -15.53 -0.23 34.54
CA HIS B 497 -16.27 0.34 35.66
C HIS B 497 -17.71 0.61 35.22
N LEU B 498 -18.59 -0.36 35.50
CA LEU B 498 -19.96 -0.35 34.99
C LEU B 498 -21.00 -0.34 36.11
N LYS B 499 -21.98 0.55 35.98
CA LYS B 499 -23.08 0.68 36.94
C LYS B 499 -24.33 -0.06 36.46
N VAL B 500 -24.52 -1.26 37.01
CA VAL B 500 -25.65 -2.14 36.68
C VAL B 500 -26.96 -1.61 37.28
N GLU B 501 -26.83 -0.88 38.38
CA GLU B 501 -27.95 -0.29 39.13
C GLU B 501 -28.73 0.76 38.34
N ASP B 502 -28.04 1.44 37.42
CA ASP B 502 -28.65 2.50 36.60
C ASP B 502 -29.09 2.00 35.20
N MET B 503 -29.43 0.71 35.11
CA MET B 503 -29.87 0.11 33.84
C MET B 503 -31.37 -0.16 33.84
N GLN B 504 -32.01 0.18 32.72
CA GLN B 504 -33.44 -0.05 32.51
C GLN B 504 -33.69 -0.88 31.25
N TRP B 505 -34.67 -1.78 31.33
CA TRP B 505 -34.99 -2.72 30.24
C TRP B 505 -36.49 -2.78 29.95
N ALA B 506 -36.84 -3.30 28.77
CA ALA B 506 -38.22 -3.45 28.33
C ALA B 506 -38.91 -4.61 29.07
C7 HVG C . 19.08 -7.88 -12.72
C6 HVG C . 17.31 -9.72 -9.33
C1 HVG C . 17.19 -8.20 -11.20
C5 HVG C . 19.21 -9.46 -10.79
C4 HVG C . 18.50 -8.53 -11.55
C3 HVG C . 18.62 -10.04 -9.68
C2 HVG C . 16.60 -8.79 -10.08
C8 HVG C . 20.58 -9.83 -11.13
C9 HVG C . 15.58 -9.47 -7.54
C10 HVG C . 16.68 -10.36 -8.13
N11 HVG C . 16.07 -11.66 -8.45
O12 HVG C . 19.81 -8.42 -13.56
O13 HVG C . 21.57 -9.11 -11.00
O14 HVG C . 14.57 -9.89 -7.00
O15 HVG C . 18.72 -6.57 -12.82
O16 HVG C . 20.65 -11.10 -11.62
O17 HVG C . 15.84 -8.14 -7.66
CL CL D . 14.81 -2.00 -11.60
C7 HVG E . -17.77 9.20 11.02
C6 HVG E . -16.10 5.39 11.87
C1 HVG E . -15.84 7.74 11.34
C5 HVG E . -18.05 6.79 11.55
C4 HVG E . -17.22 7.89 11.30
C3 HVG E . -17.49 5.54 11.83
C2 HVG E . -15.28 6.50 11.63
C8 HVG E . -19.49 6.91 11.52
C9 HVG E . -14.42 3.72 11.16
C10 HVG E . -15.49 4.07 12.17
N11 HVG E . -14.91 4.00 13.52
O12 HVG E . -18.67 9.76 11.64
O13 HVG E . -20.17 7.08 10.50
O14 HVG E . -13.15 3.84 11.65
O15 HVG E . -17.17 9.78 9.95
O16 HVG E . -20.05 6.81 12.76
O17 HVG E . -14.63 3.36 10.01
CL CL F . -13.44 10.13 5.03
#